data_8YO5
#
_entry.id   8YO5
#
loop_
_entity.id
_entity.type
_entity.pdbx_description
1 polymer 'DNA topoisomerase medium subunit'
2 polymer 'DNA topoisomerase (ATP-hydrolyzing)'
#
loop_
_entity_poly.entity_id
_entity_poly.type
_entity_poly.pdbx_seq_one_letter_code
_entity_poly.pdbx_strand_id
1 'polypeptide(L)'
;MQLNNRDLKSIIDNEALAYAMYTVENRAIPNMIDGFKPVQRFVIARALDLARGNKDKFHKLASIAGGVADLGYHHGENSA
QDAGALMANTWNNNFPLLDGQGNFGSRTVQKAAASRYIFARVSKNFYNVYKDTEYAPVHQDKEHIPPAFYLPIIPTVLLN
GVSGIATGYATYILPHSVSSVKKAVLQALQGKKVTKPKVEFPEFRGEVVEIDGQYEIRGTYKFTSRTQMHITEIPYKYDR
ETYVSKILDPLENKGFITWDDACGEHGFGFKVKFRKEYSLSDNEEERHAKIMKDFGLIERRSQNITVINEKGKLQVYDNV
VDLIKDFVEVRKTYVQKRIDNKIKETESAFRLAFAKAHFIKKVISGEIVVQGKTRKELTEELSKIDMYSSYVDKLVGMNI
FHMTSDEAKKLAEEAKAKKEENEYWKTTDVVTEYTKDLEEIKHHHHHHHHHH
;
A,B
2 'polypeptide(L)'
;MIKNEIKILSDIEHIKKRSGMYIGSSANEMHERFLFGKWESVQYVPGLVKLIDEIIDNSVDEGIRTKFKFANKINVTIKN
NQVTVEDNGRGIPQAMVKTPTGEEIPGPVAAWTIPKAGGNFGDDKERVTGGMNGVGSSLTNIFSVMFVGETGDGQNNIVV
RCSNGMENKSWETIPGKWKGTRVTFIPDFMSFETNELSQVYLDITLDRLQTLAVVYPDIQFTFNGKKVQGNFKKYARQYD
EHAIVQEQENCSIAVGRSPDGFRQLTYVNNIHTKNGGHHIDCVMDDICEDLIPQIKRKFKIDVTKARVKECLTIVMFVRD
MKNMRFDSQTKERLTSPFGEIRSHIQLDAKKISRAILNNEAILMPIIEAALARKLAAEKAAETKAAKKASKAKVHKHIKA
NLCGKDADTTLFLTEGDSAIGYLIDVRDKELHGGYPLRGKVLNSWGMSYADMLKNKELFDICAITGLVLGEKAENLNYHN
IAIMTDADHDGLGSIYPSLLGFFSNWPELFEQGRIRFVKTPVIIAHVGKKQEWFYTVAEYESAKDALPKHSIRYIKGLGS
LEKSEYREMIQNPVYDVVKLPENWKELFEMLMGDNADLRKEWMSQHHHHHH
;
C,D
#
# COMPACT_ATOMS: atom_id res chain seq x y z
N MET A 1 5.36 -25.53 32.59
CA MET A 1 6.37 -26.58 32.55
C MET A 1 5.74 -27.91 32.15
N GLN A 2 4.58 -27.84 31.50
CA GLN A 2 3.91 -29.03 31.02
C GLN A 2 4.79 -29.74 29.98
N LEU A 3 4.79 -31.07 30.03
CA LEU A 3 5.79 -31.84 29.29
C LEU A 3 5.50 -31.83 27.80
N ASN A 4 4.39 -32.47 27.39
CA ASN A 4 4.01 -32.61 25.99
C ASN A 4 5.18 -33.07 25.12
N ASN A 5 5.82 -34.14 25.56
CA ASN A 5 6.98 -34.70 24.87
C ASN A 5 6.55 -35.88 24.00
N ARG A 6 6.73 -35.73 22.69
CA ARG A 6 6.53 -36.80 21.73
C ARG A 6 7.67 -36.75 20.73
N ASP A 7 8.45 -37.82 20.64
CA ASP A 7 9.56 -37.88 19.70
C ASP A 7 9.07 -38.35 18.33
N LEU A 8 8.07 -37.66 17.79
CA LEU A 8 7.42 -38.06 16.54
C LEU A 8 8.01 -37.28 15.38
N LYS A 9 8.26 -37.97 14.27
CA LYS A 9 8.80 -37.35 13.07
C LYS A 9 7.72 -36.93 12.08
N SER A 10 6.45 -37.25 12.35
CA SER A 10 5.38 -36.92 11.43
C SER A 10 5.21 -35.41 11.27
N ILE A 11 5.67 -34.62 12.24
CA ILE A 11 5.56 -33.17 12.16
C ILE A 11 6.32 -32.60 10.97
N ILE A 12 7.20 -33.38 10.35
CA ILE A 12 7.88 -32.92 9.14
C ILE A 12 6.90 -32.73 8.00
N ASP A 13 5.74 -33.39 8.04
CA ASP A 13 4.70 -33.12 7.06
C ASP A 13 4.22 -31.67 7.15
N ASN A 14 4.41 -31.03 8.29
CA ASN A 14 4.12 -29.60 8.42
C ASN A 14 4.88 -28.80 7.38
N GLU A 15 6.05 -29.29 6.96
CA GLU A 15 6.71 -28.73 5.79
C GLU A 15 5.84 -28.92 4.56
N ALA A 16 5.65 -30.19 4.16
CA ALA A 16 4.99 -30.49 2.90
C ALA A 16 3.60 -29.87 2.85
N LEU A 17 2.81 -30.09 3.90
CA LEU A 17 1.48 -29.49 3.98
C LEU A 17 1.55 -27.98 3.74
N ALA A 18 2.44 -27.30 4.46
CA ALA A 18 2.60 -25.87 4.24
C ALA A 18 3.05 -25.60 2.82
N TYR A 19 4.03 -26.37 2.33
CA TYR A 19 4.43 -26.24 0.94
C TYR A 19 3.26 -26.58 0.02
N ALA A 20 2.45 -27.55 0.41
CA ALA A 20 1.23 -27.84 -0.34
C ALA A 20 0.34 -26.60 -0.40
N MET A 21 0.18 -25.92 0.74
CA MET A 21 -0.57 -24.68 0.76
C MET A 21 0.10 -23.63 -0.11
N TYR A 22 1.43 -23.67 -0.20
CA TYR A 22 2.15 -22.75 -1.07
C TYR A 22 2.09 -23.19 -2.52
N THR A 23 1.64 -24.41 -2.80
CA THR A 23 1.49 -24.90 -4.17
C THR A 23 0.05 -25.32 -4.49
N VAL A 24 -0.93 -24.88 -3.71
CA VAL A 24 -2.34 -25.13 -3.98
C VAL A 24 -3.12 -23.82 -4.11
N GLU A 25 -3.00 -22.95 -3.11
CA GLU A 25 -3.72 -21.68 -3.12
C GLU A 25 -3.00 -20.58 -3.87
N ASN A 26 -1.80 -20.86 -4.40
CA ASN A 26 -1.03 -19.89 -5.15
C ASN A 26 -0.55 -20.47 -6.47
N ARG A 27 -1.38 -21.30 -7.09
CA ARG A 27 -1.04 -21.90 -8.38
C ARG A 27 -1.24 -20.87 -9.49
N ALA A 28 -1.10 -21.32 -10.74
CA ALA A 28 -1.35 -20.49 -11.90
C ALA A 28 -2.52 -20.96 -12.75
N ILE A 29 -3.18 -22.04 -12.36
CA ILE A 29 -4.32 -22.56 -13.12
C ILE A 29 -5.52 -21.64 -12.88
N PRO A 30 -6.22 -21.22 -13.93
CA PRO A 30 -7.42 -20.37 -13.73
C PRO A 30 -8.58 -21.14 -13.13
N ASN A 31 -9.67 -20.45 -12.81
CA ASN A 31 -10.87 -21.06 -12.24
C ASN A 31 -11.97 -21.04 -13.28
N MET A 32 -12.65 -22.18 -13.44
CA MET A 32 -13.57 -22.35 -14.56
C MET A 32 -14.84 -21.51 -14.42
N ILE A 33 -15.33 -21.33 -13.19
CA ILE A 33 -16.59 -20.61 -13.01
C ILE A 33 -16.41 -19.13 -13.31
N ASP A 34 -15.37 -18.52 -12.78
CA ASP A 34 -15.18 -17.08 -12.87
C ASP A 34 -14.13 -16.63 -13.88
N GLY A 35 -13.28 -17.54 -14.36
CA GLY A 35 -12.29 -17.17 -15.35
C GLY A 35 -11.22 -16.20 -14.89
N PHE A 36 -10.74 -16.35 -13.67
CA PHE A 36 -9.72 -15.49 -13.09
C PHE A 36 -8.47 -16.30 -12.76
N LYS A 37 -7.49 -15.62 -12.19
CA LYS A 37 -6.29 -16.21 -11.63
C LYS A 37 -6.16 -15.71 -10.21
N PRO A 38 -5.43 -16.43 -9.35
CA PRO A 38 -5.38 -16.05 -7.93
C PRO A 38 -4.96 -14.61 -7.69
N VAL A 39 -3.98 -14.10 -8.44
CA VAL A 39 -3.57 -12.71 -8.28
C VAL A 39 -4.65 -11.77 -8.83
N GLN A 40 -5.25 -12.13 -9.96
CA GLN A 40 -6.27 -11.29 -10.55
C GLN A 40 -7.49 -11.16 -9.65
N ARG A 41 -7.77 -12.18 -8.83
CA ARG A 41 -8.87 -12.09 -7.88
C ARG A 41 -8.66 -10.92 -6.92
N PHE A 42 -7.48 -10.85 -6.30
CA PHE A 42 -7.20 -9.75 -5.38
C PHE A 42 -7.14 -8.42 -6.11
N VAL A 43 -6.57 -8.41 -7.32
CA VAL A 43 -6.49 -7.17 -8.09
C VAL A 43 -7.88 -6.61 -8.34
N ILE A 44 -8.80 -7.45 -8.83
CA ILE A 44 -10.14 -7.01 -9.15
C ILE A 44 -10.92 -6.66 -7.88
N ALA A 45 -10.70 -7.40 -6.80
CA ALA A 45 -11.36 -7.07 -5.54
C ALA A 45 -10.94 -5.70 -5.04
N ARG A 46 -9.64 -5.41 -5.09
CA ARG A 46 -9.17 -4.09 -4.67
C ARG A 46 -9.69 -3.00 -5.59
N ALA A 47 -9.77 -3.28 -6.90
CA ALA A 47 -10.32 -2.29 -7.83
C ALA A 47 -11.79 -2.00 -7.53
N LEU A 48 -12.57 -3.05 -7.26
CA LEU A 48 -13.97 -2.85 -6.90
C LEU A 48 -14.10 -2.08 -5.60
N ASP A 49 -13.25 -2.38 -4.62
CA ASP A 49 -13.30 -1.67 -3.35
C ASP A 49 -12.96 -0.19 -3.54
N LEU A 50 -11.93 0.11 -4.32
CA LEU A 50 -11.53 1.50 -4.51
C LEU A 50 -12.54 2.27 -5.35
N ALA A 51 -13.20 1.60 -6.30
CA ALA A 51 -14.15 2.30 -7.17
C ALA A 51 -15.29 2.91 -6.37
N ARG A 52 -15.93 2.09 -5.51
CA ARG A 52 -17.06 2.53 -4.70
C ARG A 52 -18.13 3.19 -5.57
N GLY A 53 -18.69 4.31 -5.10
CA GLY A 53 -19.72 4.98 -5.88
C GLY A 53 -19.20 5.58 -7.17
N ASN A 54 -18.04 6.23 -7.12
CA ASN A 54 -17.45 6.87 -8.29
C ASN A 54 -16.57 5.87 -9.03
N LYS A 55 -17.22 4.94 -9.72
CA LYS A 55 -16.51 3.93 -10.48
C LYS A 55 -15.74 4.51 -11.65
N ASP A 56 -16.06 5.75 -12.05
CA ASP A 56 -15.35 6.39 -13.15
C ASP A 56 -14.01 6.99 -12.74
N LYS A 57 -13.71 7.02 -11.43
CA LYS A 57 -12.45 7.60 -10.97
C LYS A 57 -11.27 6.71 -11.39
N PHE A 58 -10.23 7.34 -11.92
CA PHE A 58 -9.04 6.62 -12.39
C PHE A 58 -8.06 6.49 -11.21
N HIS A 59 -8.01 5.31 -10.62
CA HIS A 59 -7.05 5.05 -9.55
C HIS A 59 -5.68 4.71 -10.12
N LYS A 60 -4.64 5.12 -9.41
CA LYS A 60 -3.29 4.77 -9.80
C LYS A 60 -3.07 3.27 -9.72
N LEU A 61 -2.27 2.75 -10.66
CA LEU A 61 -1.98 1.33 -10.67
C LEU A 61 -1.20 0.90 -9.43
N ALA A 62 -0.34 1.79 -8.90
CA ALA A 62 0.39 1.46 -7.69
C ALA A 62 -0.56 1.26 -6.51
N SER A 63 -1.53 2.16 -6.35
CA SER A 63 -2.53 1.99 -5.30
C SER A 63 -3.37 0.75 -5.55
N ILE A 64 -3.65 0.46 -6.82
CA ILE A 64 -4.54 -0.65 -7.16
C ILE A 64 -3.89 -1.98 -6.81
N ALA A 65 -2.62 -2.16 -7.19
CA ALA A 65 -1.95 -3.44 -7.10
C ALA A 65 -0.87 -3.48 -6.02
N GLY A 66 -0.80 -2.49 -5.14
CA GLY A 66 0.16 -2.54 -4.06
C GLY A 66 -0.51 -2.69 -2.72
N GLY A 67 -1.79 -2.35 -2.66
CA GLY A 67 -2.55 -2.48 -1.43
C GLY A 67 -3.26 -3.81 -1.30
N VAL A 68 -2.92 -4.77 -2.18
CA VAL A 68 -3.53 -6.09 -2.12
C VAL A 68 -2.96 -6.97 -1.01
N ALA A 69 -1.92 -6.50 -0.30
CA ALA A 69 -1.31 -7.30 0.74
C ALA A 69 -2.30 -7.58 1.88
N ASP A 70 -3.05 -6.56 2.31
CA ASP A 70 -3.98 -6.75 3.41
C ASP A 70 -5.22 -7.53 2.99
N LEU A 71 -5.50 -7.63 1.69
CA LEU A 71 -6.63 -8.41 1.21
C LEU A 71 -6.40 -9.90 1.34
N GLY A 72 -5.17 -10.34 1.64
CA GLY A 72 -4.88 -11.75 1.79
C GLY A 72 -3.98 -12.32 0.72
N TYR A 73 -3.08 -11.48 0.20
CA TYR A 73 -2.13 -11.91 -0.83
C TYR A 73 -0.78 -12.22 -0.17
N HIS A 74 -0.45 -13.50 -0.10
CA HIS A 74 0.83 -13.93 0.49
C HIS A 74 1.89 -14.04 -0.60
N HIS A 75 2.16 -12.89 -1.24
CA HIS A 75 3.16 -12.81 -2.29
C HIS A 75 3.55 -11.35 -2.46
N GLY A 76 4.63 -11.13 -3.21
CA GLY A 76 5.07 -9.78 -3.49
C GLY A 76 4.07 -9.01 -4.33
N GLU A 77 4.06 -7.69 -4.15
CA GLU A 77 3.17 -6.83 -4.89
C GLU A 77 3.53 -6.74 -6.38
N ASN A 78 4.73 -7.20 -6.76
CA ASN A 78 5.14 -7.10 -8.16
C ASN A 78 4.26 -7.96 -9.05
N SER A 79 3.84 -9.14 -8.56
CA SER A 79 2.95 -9.99 -9.34
C SER A 79 1.63 -9.29 -9.62
N ALA A 80 1.06 -8.62 -8.60
CA ALA A 80 -0.16 -7.88 -8.81
C ALA A 80 0.05 -6.70 -9.76
N GLN A 81 1.19 -6.01 -9.62
CA GLN A 81 1.47 -4.86 -10.47
C GLN A 81 1.58 -5.27 -11.94
N ASP A 82 2.25 -6.39 -12.21
CA ASP A 82 2.40 -6.85 -13.59
C ASP A 82 1.11 -7.49 -14.12
N ALA A 83 0.35 -8.17 -13.26
CA ALA A 83 -0.91 -8.75 -13.68
C ALA A 83 -2.02 -7.71 -13.85
N GLY A 84 -1.80 -6.49 -13.38
CA GLY A 84 -2.75 -5.41 -13.60
C GLY A 84 -2.62 -4.72 -14.93
N ALA A 85 -1.57 -5.04 -15.70
CA ALA A 85 -1.38 -4.49 -17.03
C ALA A 85 -1.54 -5.51 -18.14
N LEU A 86 -1.40 -6.80 -17.84
CA LEU A 86 -1.59 -7.86 -18.82
C LEU A 86 -3.04 -8.33 -18.88
N MET A 87 -3.94 -7.67 -18.16
CA MET A 87 -5.35 -8.04 -18.16
C MET A 87 -6.20 -6.80 -18.45
N ALA A 88 -5.67 -5.63 -18.15
CA ALA A 88 -6.41 -4.38 -18.27
C ALA A 88 -6.21 -3.69 -19.62
N ASN A 89 -5.41 -4.26 -20.51
CA ASN A 89 -5.17 -3.64 -21.81
C ASN A 89 -6.28 -4.03 -22.78
N THR A 90 -6.09 -3.72 -24.06
CA THR A 90 -7.03 -4.09 -25.10
C THR A 90 -6.42 -4.91 -26.21
N TRP A 91 -5.09 -4.97 -26.31
CA TRP A 91 -4.42 -5.73 -27.36
C TRP A 91 -4.33 -7.22 -27.03
N ASN A 92 -4.71 -7.63 -25.82
CA ASN A 92 -4.58 -9.03 -25.41
C ASN A 92 -5.90 -9.61 -24.91
N ASN A 93 -7.01 -8.90 -25.06
CA ASN A 93 -8.27 -9.37 -24.50
C ASN A 93 -9.42 -8.99 -25.43
N ASN A 94 -10.32 -9.95 -25.68
CA ASN A 94 -11.60 -9.65 -26.31
C ASN A 94 -12.62 -9.12 -25.31
N PHE A 95 -12.30 -9.16 -24.03
CA PHE A 95 -13.21 -8.70 -22.98
C PHE A 95 -12.36 -8.05 -21.89
N PRO A 96 -12.07 -6.76 -22.01
CA PRO A 96 -11.23 -6.10 -21.00
C PRO A 96 -11.95 -5.97 -19.68
N LEU A 97 -11.52 -6.73 -18.68
CA LEU A 97 -12.14 -6.71 -17.36
C LEU A 97 -11.71 -5.51 -16.53
N LEU A 98 -10.85 -4.65 -17.07
CA LEU A 98 -10.38 -3.47 -16.34
C LEU A 98 -9.96 -2.42 -17.37
N ASP A 99 -10.73 -1.35 -17.48
CA ASP A 99 -10.36 -0.27 -18.38
C ASP A 99 -9.20 0.53 -17.79
N GLY A 100 -8.44 1.17 -18.68
CA GLY A 100 -7.27 1.90 -18.25
C GLY A 100 -7.10 3.19 -19.03
N GLN A 101 -6.30 4.09 -18.45
CA GLN A 101 -6.00 5.40 -19.05
C GLN A 101 -4.48 5.59 -18.97
N GLY A 102 -3.80 5.27 -20.07
CA GLY A 102 -2.36 5.45 -20.10
C GLY A 102 -1.75 4.58 -21.19
N ASN A 103 -0.43 4.40 -21.08
CA ASN A 103 0.32 3.60 -22.03
C ASN A 103 0.38 2.16 -21.52
N PHE A 104 -0.55 1.33 -21.97
CA PHE A 104 -0.57 -0.08 -21.64
C PHE A 104 0.09 -0.93 -22.71
N GLY A 105 0.75 -0.31 -23.68
CA GLY A 105 1.39 -1.04 -24.76
C GLY A 105 0.40 -1.49 -25.82
N SER A 106 0.94 -2.21 -26.80
CA SER A 106 0.13 -2.77 -27.88
C SER A 106 0.84 -4.00 -28.41
N ARG A 107 0.25 -4.61 -29.45
CA ARG A 107 0.87 -5.78 -30.05
C ARG A 107 2.22 -5.44 -30.68
N THR A 108 2.45 -4.18 -31.04
CA THR A 108 3.75 -3.80 -31.58
C THR A 108 4.85 -3.91 -30.52
N VAL A 109 4.60 -3.40 -29.32
CA VAL A 109 5.54 -3.49 -28.21
C VAL A 109 4.76 -3.94 -26.98
N GLN A 110 4.95 -5.20 -26.58
CA GLN A 110 4.19 -5.80 -25.49
C GLN A 110 4.87 -5.50 -24.15
N LYS A 111 4.74 -4.23 -23.73
CA LYS A 111 5.34 -3.80 -22.47
C LYS A 111 4.51 -2.66 -21.90
N ALA A 112 4.24 -2.73 -20.59
CA ALA A 112 3.55 -1.64 -19.91
C ALA A 112 4.49 -0.44 -19.73
N ALA A 113 3.92 0.66 -19.28
CA ALA A 113 4.70 1.90 -19.16
C ALA A 113 5.52 1.92 -17.88
N ALA A 114 4.84 1.91 -16.73
CA ALA A 114 5.50 2.09 -15.44
C ALA A 114 4.60 1.52 -14.35
N SER A 115 4.88 1.89 -13.10
CA SER A 115 4.05 1.50 -11.97
C SER A 115 3.05 2.57 -11.56
N ARG A 116 3.37 3.85 -11.77
CA ARG A 116 2.55 4.94 -11.26
C ARG A 116 2.08 5.94 -12.30
N TYR A 117 2.56 5.87 -13.54
CA TYR A 117 2.16 6.83 -14.57
C TYR A 117 0.87 6.44 -15.27
N ILE A 118 0.26 5.30 -14.91
CA ILE A 118 -0.95 4.82 -15.58
C ILE A 118 -2.08 4.82 -14.57
N PHE A 119 -3.29 4.50 -15.02
CA PHE A 119 -4.47 4.47 -14.17
C PHE A 119 -5.35 3.30 -14.59
N ALA A 120 -6.22 2.88 -13.67
CA ALA A 120 -7.11 1.76 -13.95
C ALA A 120 -8.41 1.94 -13.18
N ARG A 121 -9.46 1.30 -13.70
CA ARG A 121 -10.76 1.30 -13.05
C ARG A 121 -11.51 0.06 -13.50
N VAL A 122 -12.54 -0.32 -12.74
CA VAL A 122 -13.37 -1.44 -13.14
C VAL A 122 -14.20 -1.01 -14.35
N SER A 123 -13.96 -1.65 -15.49
CA SER A 123 -14.58 -1.23 -16.73
C SER A 123 -16.07 -1.50 -16.73
N LYS A 124 -16.77 -0.81 -17.63
CA LYS A 124 -18.19 -1.10 -17.87
C LYS A 124 -18.41 -2.49 -18.44
N ASN A 125 -17.35 -3.14 -18.94
CA ASN A 125 -17.45 -4.49 -19.47
C ASN A 125 -17.50 -5.53 -18.37
N PHE A 126 -17.36 -5.14 -17.11
CA PHE A 126 -17.41 -6.04 -15.98
C PHE A 126 -18.75 -6.07 -15.27
N TYR A 127 -19.49 -4.96 -15.29
CA TYR A 127 -20.78 -4.89 -14.62
C TYR A 127 -21.91 -5.53 -15.41
N ASN A 128 -21.76 -5.68 -16.73
CA ASN A 128 -22.79 -6.30 -17.54
C ASN A 128 -22.62 -7.81 -17.67
N VAL A 129 -21.53 -8.37 -17.14
CA VAL A 129 -21.24 -9.79 -17.30
C VAL A 129 -20.87 -10.48 -16.00
N TYR A 130 -20.85 -9.77 -14.87
CA TYR A 130 -20.49 -10.34 -13.58
C TYR A 130 -21.52 -9.99 -12.52
N LYS A 131 -22.80 -10.19 -12.85
CA LYS A 131 -23.87 -9.89 -11.92
C LYS A 131 -23.86 -10.89 -10.75
N ASP A 132 -24.51 -10.47 -9.66
CA ASP A 132 -24.60 -11.27 -8.43
C ASP A 132 -23.21 -11.55 -7.85
N THR A 133 -22.48 -10.46 -7.57
CA THR A 133 -21.17 -10.55 -6.95
C THR A 133 -21.23 -10.96 -5.48
N GLU A 134 -22.28 -10.57 -4.76
CA GLU A 134 -22.36 -10.78 -3.32
C GLU A 134 -22.84 -12.18 -2.95
N TYR A 135 -23.11 -13.04 -3.94
CA TYR A 135 -23.53 -14.41 -3.67
C TYR A 135 -22.42 -15.43 -3.85
N ALA A 136 -21.21 -14.97 -4.15
CA ALA A 136 -20.09 -15.88 -4.30
C ALA A 136 -19.75 -16.51 -2.96
N PRO A 137 -19.58 -17.82 -2.89
CA PRO A 137 -19.23 -18.45 -1.60
C PRO A 137 -17.93 -17.90 -1.05
N VAL A 138 -17.91 -17.67 0.26
CA VAL A 138 -16.71 -17.15 0.90
C VAL A 138 -15.65 -18.24 0.95
N HIS A 139 -14.39 -17.81 0.94
CA HIS A 139 -13.28 -18.76 0.95
C HIS A 139 -13.23 -19.51 2.28
N GLN A 140 -12.67 -20.72 2.23
CA GLN A 140 -12.52 -21.52 3.44
C GLN A 140 -11.65 -20.81 4.47
N ASP A 141 -10.56 -20.20 4.02
CA ASP A 141 -9.69 -19.45 4.90
C ASP A 141 -10.23 -18.03 5.10
N LYS A 142 -10.04 -17.51 6.32
CA LYS A 142 -10.57 -16.19 6.66
C LYS A 142 -9.79 -15.08 5.97
N GLU A 143 -8.46 -15.18 5.92
CA GLU A 143 -7.64 -14.12 5.35
C GLU A 143 -7.95 -13.83 3.90
N HIS A 144 -8.60 -14.76 3.19
CA HIS A 144 -9.00 -14.54 1.80
C HIS A 144 -10.28 -13.72 1.80
N ILE A 145 -10.12 -12.40 1.95
CA ILE A 145 -11.27 -11.50 1.95
C ILE A 145 -12.06 -11.57 0.65
N PRO A 146 -11.43 -11.53 -0.53
CA PRO A 146 -12.21 -11.74 -1.75
C PRO A 146 -12.77 -13.14 -1.79
N PRO A 147 -13.95 -13.32 -2.39
CA PRO A 147 -14.59 -14.64 -2.37
C PRO A 147 -13.82 -15.65 -3.20
N ALA A 148 -14.29 -16.90 -3.12
CA ALA A 148 -13.62 -17.99 -3.83
C ALA A 148 -13.63 -17.77 -5.33
N PHE A 149 -14.78 -17.35 -5.87
CA PHE A 149 -14.87 -17.06 -7.30
C PHE A 149 -16.14 -16.25 -7.54
N TYR A 150 -16.02 -15.16 -8.29
CA TYR A 150 -17.18 -14.38 -8.66
C TYR A 150 -18.08 -15.19 -9.60
N LEU A 151 -19.25 -14.64 -9.90
CA LEU A 151 -20.23 -15.36 -10.69
C LEU A 151 -20.54 -14.60 -11.97
N PRO A 152 -19.93 -14.96 -13.11
CA PRO A 152 -20.24 -14.27 -14.36
C PRO A 152 -21.37 -14.93 -15.13
N ILE A 153 -21.75 -14.34 -16.25
CA ILE A 153 -22.82 -14.84 -17.09
C ILE A 153 -22.30 -15.74 -18.20
N ILE A 154 -21.16 -15.37 -18.79
CA ILE A 154 -20.48 -16.21 -19.78
C ILE A 154 -19.10 -16.53 -19.22
N PRO A 155 -18.53 -17.69 -19.53
CA PRO A 155 -17.27 -18.09 -18.86
C PRO A 155 -16.10 -17.27 -19.36
N THR A 156 -15.49 -16.52 -18.45
CA THR A 156 -14.36 -15.67 -18.80
C THR A 156 -13.07 -16.46 -18.99
N VAL A 157 -13.07 -17.77 -18.70
CA VAL A 157 -11.92 -18.60 -19.04
C VAL A 157 -11.71 -18.59 -20.55
N LEU A 158 -12.79 -18.78 -21.31
CA LEU A 158 -12.66 -18.84 -22.76
C LEU A 158 -12.15 -17.52 -23.33
N LEU A 159 -12.73 -16.41 -22.90
CA LEU A 159 -12.37 -15.11 -23.44
C LEU A 159 -11.05 -14.63 -22.84
N ASN A 160 -10.38 -13.76 -23.59
CA ASN A 160 -9.14 -13.09 -23.19
C ASN A 160 -7.95 -14.05 -23.18
N GLY A 161 -8.21 -15.34 -23.36
CA GLY A 161 -7.15 -16.34 -23.32
C GLY A 161 -6.46 -16.45 -21.98
N VAL A 162 -5.67 -17.49 -21.79
CA VAL A 162 -4.83 -17.59 -20.60
C VAL A 162 -3.72 -18.60 -20.88
N SER A 163 -2.53 -18.32 -20.35
CA SER A 163 -1.36 -19.19 -20.56
C SER A 163 -0.65 -19.33 -19.24
N GLY A 164 -0.82 -20.48 -18.60
CA GLY A 164 -0.17 -20.77 -17.34
C GLY A 164 0.60 -22.07 -17.39
N ILE A 165 1.64 -22.14 -16.56
CA ILE A 165 2.50 -23.33 -16.48
C ILE A 165 2.66 -23.64 -14.99
N ALA A 166 1.89 -24.59 -14.49
CA ALA A 166 2.00 -25.03 -13.11
C ALA A 166 2.95 -26.22 -13.02
N THR A 167 2.98 -26.88 -11.87
CA THR A 167 3.84 -28.04 -11.66
C THR A 167 3.18 -29.25 -12.30
N GLY A 168 3.68 -29.67 -13.46
CA GLY A 168 3.19 -30.84 -14.15
C GLY A 168 2.01 -30.60 -15.07
N TYR A 169 1.47 -29.38 -15.11
CA TYR A 169 0.33 -29.07 -15.96
C TYR A 169 0.57 -27.73 -16.65
N ALA A 170 0.02 -27.61 -17.86
CA ALA A 170 0.12 -26.38 -18.63
C ALA A 170 -1.23 -26.09 -19.28
N THR A 171 -1.66 -24.83 -19.19
CA THR A 171 -2.92 -24.37 -19.77
C THR A 171 -2.61 -23.30 -20.81
N TYR A 172 -3.20 -23.43 -22.00
CA TYR A 172 -3.06 -22.44 -23.05
C TYR A 172 -4.42 -22.14 -23.66
N ILE A 173 -5.37 -21.78 -22.79
CA ILE A 173 -6.75 -21.54 -23.24
C ILE A 173 -6.76 -20.44 -24.28
N LEU A 174 -7.15 -20.79 -25.50
CA LEU A 174 -7.20 -19.84 -26.61
C LEU A 174 -8.41 -18.92 -26.45
N PRO A 175 -8.25 -17.63 -26.77
CA PRO A 175 -9.40 -16.72 -26.69
C PRO A 175 -10.46 -17.06 -27.71
N HIS A 176 -11.71 -16.78 -27.35
CA HIS A 176 -12.86 -16.99 -28.20
C HIS A 176 -13.63 -15.70 -28.35
N SER A 177 -14.34 -15.57 -29.46
CA SER A 177 -15.12 -14.37 -29.71
C SER A 177 -16.30 -14.27 -28.75
N VAL A 178 -16.64 -13.04 -28.39
CA VAL A 178 -17.74 -12.82 -27.44
C VAL A 178 -19.05 -13.33 -28.00
N SER A 179 -19.31 -13.08 -29.29
CA SER A 179 -20.56 -13.51 -29.89
C SER A 179 -20.68 -15.03 -29.89
N SER A 180 -19.60 -15.73 -30.21
CA SER A 180 -19.66 -17.19 -30.23
C SER A 180 -19.96 -17.76 -28.86
N VAL A 181 -19.29 -17.25 -27.82
CA VAL A 181 -19.53 -17.75 -26.47
C VAL A 181 -20.94 -17.42 -26.01
N LYS A 182 -21.41 -16.22 -26.30
CA LYS A 182 -22.77 -15.84 -25.92
C LYS A 182 -23.79 -16.75 -26.60
N LYS A 183 -23.63 -17.00 -27.90
CA LYS A 183 -24.55 -17.88 -28.60
C LYS A 183 -24.49 -19.30 -28.06
N ALA A 184 -23.29 -19.79 -27.77
CA ALA A 184 -23.15 -21.15 -27.24
C ALA A 184 -23.85 -21.28 -25.89
N VAL A 185 -23.65 -20.31 -25.00
CA VAL A 185 -24.30 -20.36 -23.69
C VAL A 185 -25.81 -20.26 -23.84
N LEU A 186 -26.28 -19.34 -24.69
CA LEU A 186 -27.72 -19.15 -24.86
C LEU A 186 -28.37 -20.41 -25.39
N GLN A 187 -27.76 -21.05 -26.38
CA GLN A 187 -28.35 -22.25 -26.98
C GLN A 187 -28.21 -23.47 -26.08
N ALA A 188 -27.13 -23.54 -25.28
CA ALA A 188 -26.98 -24.62 -24.32
C ALA A 188 -27.87 -24.44 -23.09
N LEU A 189 -28.43 -23.25 -22.89
CA LEU A 189 -29.45 -23.09 -21.86
C LEU A 189 -30.66 -23.97 -22.13
N GLN A 190 -31.10 -24.01 -23.39
CA GLN A 190 -32.28 -24.76 -23.79
C GLN A 190 -31.98 -26.18 -24.20
N GLY A 191 -30.74 -26.63 -24.05
CA GLY A 191 -30.38 -28.01 -24.34
C GLY A 191 -30.46 -28.41 -25.79
N LYS A 192 -30.04 -27.53 -26.70
CA LYS A 192 -29.95 -27.86 -28.12
C LYS A 192 -28.57 -28.44 -28.41
N LYS A 193 -28.26 -28.62 -29.69
CA LYS A 193 -26.95 -29.11 -30.08
C LYS A 193 -25.94 -27.97 -29.98
N VAL A 194 -24.91 -28.16 -29.16
CA VAL A 194 -23.98 -27.08 -28.86
C VAL A 194 -23.10 -26.81 -30.06
N THR A 195 -23.04 -25.55 -30.49
CA THR A 195 -22.16 -25.13 -31.58
C THR A 195 -20.82 -24.71 -31.00
N LYS A 196 -19.75 -25.27 -31.52
CA LYS A 196 -18.41 -24.97 -31.02
C LYS A 196 -18.09 -23.50 -31.25
N PRO A 197 -17.73 -22.75 -30.21
CA PRO A 197 -17.39 -21.34 -30.41
C PRO A 197 -16.14 -21.17 -31.26
N LYS A 198 -16.09 -20.07 -31.99
CA LYS A 198 -14.98 -19.78 -32.88
C LYS A 198 -13.80 -19.20 -32.09
N VAL A 199 -12.71 -18.90 -32.79
CA VAL A 199 -11.51 -18.32 -32.20
C VAL A 199 -11.29 -16.96 -32.85
N GLU A 200 -11.13 -15.93 -32.04
CA GLU A 200 -10.95 -14.56 -32.53
C GLU A 200 -9.90 -13.88 -31.66
N PHE A 201 -8.67 -13.81 -32.15
CA PHE A 201 -7.61 -13.13 -31.44
C PHE A 201 -7.89 -11.63 -31.40
N PRO A 202 -7.43 -10.93 -30.36
CA PRO A 202 -7.65 -9.48 -30.29
C PRO A 202 -6.74 -8.74 -31.25
N GLU A 203 -7.33 -7.72 -31.90
CA GLU A 203 -6.61 -6.90 -32.88
C GLU A 203 -5.98 -7.76 -33.98
N PHE A 204 -6.72 -8.78 -34.41
CA PHE A 204 -6.27 -9.71 -35.44
C PHE A 204 -7.21 -9.64 -36.62
N ARG A 205 -6.67 -9.34 -37.80
CA ARG A 205 -7.43 -9.32 -39.04
C ARG A 205 -6.94 -10.37 -40.03
N GLY A 206 -6.08 -11.29 -39.60
CA GLY A 206 -5.55 -12.31 -40.47
C GLY A 206 -6.47 -13.51 -40.60
N GLU A 207 -5.90 -14.71 -40.47
CA GLU A 207 -6.66 -15.94 -40.62
C GLU A 207 -6.34 -16.90 -39.48
N VAL A 208 -7.38 -17.49 -38.91
CA VAL A 208 -7.26 -18.54 -37.91
C VAL A 208 -8.15 -19.70 -38.32
N VAL A 209 -7.58 -20.91 -38.31
CA VAL A 209 -8.29 -22.10 -38.77
C VAL A 209 -7.54 -23.32 -38.25
N GLU A 210 -8.28 -24.38 -37.94
CA GLU A 210 -7.69 -25.62 -37.47
C GLU A 210 -7.29 -26.49 -38.66
N ILE A 211 -6.09 -27.06 -38.58
CA ILE A 211 -5.63 -27.95 -39.65
C ILE A 211 -6.22 -29.35 -39.46
N ASP A 212 -5.97 -29.94 -38.29
CA ASP A 212 -6.59 -31.22 -37.94
C ASP A 212 -6.71 -31.27 -36.42
N GLY A 213 -7.90 -30.96 -35.91
CA GLY A 213 -8.12 -30.92 -34.48
C GLY A 213 -7.61 -29.66 -33.82
N GLN A 214 -6.29 -29.49 -33.82
CA GLN A 214 -5.67 -28.34 -33.17
C GLN A 214 -5.73 -27.11 -34.07
N TYR A 215 -5.76 -25.94 -33.44
CA TYR A 215 -5.85 -24.68 -34.15
C TYR A 215 -4.48 -24.21 -34.62
N GLU A 216 -4.48 -23.46 -35.73
CA GLU A 216 -3.28 -22.82 -36.24
C GLU A 216 -3.64 -21.41 -36.68
N ILE A 217 -2.65 -20.52 -36.67
CA ILE A 217 -2.85 -19.12 -37.01
C ILE A 217 -1.86 -18.72 -38.11
N ARG A 218 -2.36 -18.07 -39.15
CA ARG A 218 -1.54 -17.64 -40.27
C ARG A 218 -1.85 -16.18 -40.61
N GLY A 219 -0.83 -15.48 -41.07
CA GLY A 219 -0.95 -14.09 -41.47
C GLY A 219 -1.27 -13.94 -42.94
N THR A 220 -1.12 -12.70 -43.41
CA THR A 220 -1.44 -12.35 -44.79
C THR A 220 -0.24 -11.68 -45.45
N TYR A 221 0.17 -12.20 -46.59
CA TYR A 221 1.22 -11.60 -47.41
C TYR A 221 0.61 -11.13 -48.72
N LYS A 222 0.89 -9.88 -49.10
CA LYS A 222 0.32 -9.27 -50.29
C LYS A 222 1.44 -8.80 -51.20
N PHE A 223 1.53 -9.39 -52.39
CA PHE A 223 2.55 -9.00 -53.36
C PHE A 223 2.18 -7.67 -54.00
N THR A 224 3.18 -6.80 -54.16
CA THR A 224 3.00 -5.53 -54.84
C THR A 224 3.89 -5.35 -56.06
N SER A 225 5.03 -6.03 -56.13
CA SER A 225 5.89 -6.00 -57.30
C SER A 225 6.51 -7.38 -57.47
N ARG A 226 7.30 -7.53 -58.54
CA ARG A 226 7.98 -8.80 -58.80
C ARG A 226 8.96 -9.16 -57.69
N THR A 227 9.47 -8.19 -56.94
CA THR A 227 10.43 -8.47 -55.88
C THR A 227 10.09 -7.71 -54.60
N GLN A 228 8.81 -7.50 -54.33
CA GLN A 228 8.38 -6.79 -53.13
C GLN A 228 7.03 -7.35 -52.67
N MET A 229 6.82 -7.36 -51.36
CA MET A 229 5.47 -7.55 -50.84
C MET A 229 5.28 -6.71 -49.59
N HIS A 230 4.02 -6.57 -49.21
CA HIS A 230 3.60 -5.76 -48.06
C HIS A 230 2.96 -6.71 -47.04
N ILE A 231 3.77 -7.20 -46.10
CA ILE A 231 3.27 -8.07 -45.04
C ILE A 231 2.24 -7.31 -44.22
N THR A 232 0.99 -7.76 -44.27
CA THR A 232 -0.07 -7.08 -43.54
C THR A 232 -0.15 -7.55 -42.09
N GLU A 233 0.07 -8.83 -41.83
CA GLU A 233 -0.01 -9.37 -40.48
C GLU A 233 0.94 -10.55 -40.34
N ILE A 234 1.25 -10.87 -39.09
CA ILE A 234 2.09 -12.01 -38.75
C ILE A 234 1.40 -12.73 -37.59
N PRO A 235 1.77 -13.99 -37.27
CA PRO A 235 1.15 -14.69 -36.13
C PRO A 235 1.14 -13.87 -34.85
N TYR A 236 0.22 -14.21 -33.94
CA TYR A 236 -0.09 -13.35 -32.80
C TYR A 236 1.11 -13.19 -31.88
N LYS A 237 1.81 -14.28 -31.57
CA LYS A 237 2.87 -14.24 -30.56
C LYS A 237 4.14 -13.65 -31.17
N TYR A 238 4.06 -12.36 -31.50
CA TYR A 238 5.18 -11.66 -32.12
C TYR A 238 5.05 -10.17 -31.86
N ASP A 239 6.07 -9.59 -31.24
CA ASP A 239 6.23 -8.14 -31.20
C ASP A 239 7.36 -7.73 -32.12
N ARG A 240 7.52 -6.43 -32.32
CA ARG A 240 8.44 -5.93 -33.34
C ARG A 240 9.87 -6.39 -33.08
N GLU A 241 10.36 -6.18 -31.85
CA GLU A 241 11.76 -6.46 -31.56
C GLU A 241 12.10 -7.93 -31.72
N THR A 242 11.32 -8.81 -31.06
CA THR A 242 11.64 -10.23 -31.10
C THR A 242 11.45 -10.79 -32.51
N TYR A 243 10.37 -10.41 -33.19
CA TYR A 243 10.16 -10.85 -34.56
C TYR A 243 11.37 -10.49 -35.43
N VAL A 244 11.75 -9.21 -35.42
CA VAL A 244 12.91 -8.77 -36.21
C VAL A 244 14.12 -9.63 -35.86
N SER A 245 14.54 -9.57 -34.59
CA SER A 245 15.81 -10.16 -34.19
C SER A 245 15.84 -11.67 -34.45
N LYS A 246 14.69 -12.33 -34.33
CA LYS A 246 14.69 -13.78 -34.41
C LYS A 246 14.54 -14.32 -35.82
N ILE A 247 13.76 -13.68 -36.69
CA ILE A 247 13.49 -14.23 -38.01
C ILE A 247 13.93 -13.30 -39.14
N LEU A 248 13.71 -11.99 -38.99
CA LEU A 248 13.85 -11.12 -40.15
C LEU A 248 15.27 -10.61 -40.32
N ASP A 249 15.89 -10.16 -39.22
CA ASP A 249 17.30 -9.79 -39.29
C ASP A 249 18.21 -10.94 -39.72
N PRO A 250 18.05 -12.17 -39.22
CA PRO A 250 18.83 -13.28 -39.80
C PRO A 250 18.57 -13.49 -41.28
N LEU A 251 17.34 -13.23 -41.74
CA LEU A 251 17.05 -13.36 -43.16
C LEU A 251 17.85 -12.36 -43.98
N GLU A 252 17.95 -11.12 -43.50
CA GLU A 252 18.77 -10.13 -44.20
C GLU A 252 20.25 -10.46 -44.09
N ASN A 253 20.68 -11.02 -42.96
CA ASN A 253 22.08 -11.38 -42.78
C ASN A 253 22.53 -12.47 -43.74
N LYS A 254 21.60 -13.23 -44.31
CA LYS A 254 21.92 -14.23 -45.31
C LYS A 254 22.03 -13.64 -46.71
N GLY A 255 21.91 -12.33 -46.86
CA GLY A 255 21.95 -11.72 -48.18
C GLY A 255 20.78 -12.10 -49.05
N PHE A 256 19.58 -12.14 -48.48
CA PHE A 256 18.38 -12.55 -49.19
C PHE A 256 17.42 -11.41 -49.46
N ILE A 257 17.02 -10.68 -48.41
CA ILE A 257 15.98 -9.67 -48.49
C ILE A 257 16.41 -8.43 -47.71
N THR A 258 15.73 -7.32 -47.98
CA THR A 258 15.85 -6.09 -47.19
C THR A 258 14.45 -5.59 -46.85
N TRP A 259 14.25 -5.27 -45.58
CA TRP A 259 12.93 -4.90 -45.07
C TRP A 259 12.84 -3.40 -44.90
N ASP A 260 11.68 -2.83 -45.25
CA ASP A 260 11.38 -1.43 -45.01
C ASP A 260 10.34 -1.38 -43.89
N ASP A 261 10.73 -0.84 -42.74
CA ASP A 261 9.83 -0.80 -41.59
C ASP A 261 8.67 0.15 -41.88
N ALA A 262 7.49 -0.43 -42.09
CA ALA A 262 6.27 0.33 -42.35
C ALA A 262 5.19 -0.08 -41.37
N CYS A 263 5.55 -0.17 -40.09
CA CYS A 263 4.62 -0.61 -39.06
C CYS A 263 3.60 0.48 -38.77
N GLY A 264 2.48 0.45 -39.50
CA GLY A 264 1.47 1.46 -39.34
C GLY A 264 0.68 1.30 -38.06
N GLU A 265 -0.23 2.25 -37.85
CA GLU A 265 -1.06 2.23 -36.65
C GLU A 265 -1.93 0.98 -36.59
N HIS A 266 -2.29 0.41 -37.74
CA HIS A 266 -3.14 -0.78 -37.80
C HIS A 266 -2.25 -1.99 -38.01
N GLY A 267 -1.71 -2.51 -36.90
CA GLY A 267 -0.93 -3.73 -36.95
C GLY A 267 0.44 -3.55 -37.59
N PHE A 268 1.07 -4.69 -37.86
CA PHE A 268 2.39 -4.72 -38.46
C PHE A 268 2.32 -4.41 -39.95
N GLY A 269 3.39 -3.82 -40.47
CA GLY A 269 3.45 -3.44 -41.86
C GLY A 269 4.77 -3.77 -42.54
N PHE A 270 5.39 -4.88 -42.13
CA PHE A 270 6.77 -5.20 -42.53
C PHE A 270 6.84 -5.54 -44.02
N LYS A 271 6.89 -4.51 -44.85
CA LYS A 271 7.11 -4.71 -46.28
C LYS A 271 8.56 -5.11 -46.54
N VAL A 272 8.76 -5.97 -47.53
CA VAL A 272 10.08 -6.55 -47.79
C VAL A 272 10.33 -6.56 -49.29
N LYS A 273 11.57 -6.27 -49.67
CA LYS A 273 12.04 -6.34 -51.05
C LYS A 273 13.14 -7.38 -51.15
N PHE A 274 13.00 -8.31 -52.10
CA PHE A 274 14.00 -9.36 -52.23
C PHE A 274 15.27 -8.83 -52.90
N ARG A 275 16.19 -9.74 -53.17
CA ARG A 275 17.35 -9.45 -53.99
C ARG A 275 17.63 -10.61 -54.94
N LYS A 276 18.76 -10.57 -55.65
CA LYS A 276 19.05 -11.60 -56.63
C LYS A 276 19.26 -12.96 -55.97
N GLU A 277 19.93 -12.98 -54.81
CA GLU A 277 20.33 -14.23 -54.17
C GLU A 277 19.17 -14.87 -53.42
N TYR A 278 18.14 -15.24 -54.18
CA TYR A 278 17.02 -15.98 -53.62
C TYR A 278 16.28 -16.68 -54.76
N SER A 279 15.41 -17.62 -54.38
CA SER A 279 14.71 -18.46 -55.33
C SER A 279 13.78 -17.65 -56.24
N LEU A 280 12.75 -17.04 -55.65
CA LEU A 280 11.72 -16.32 -56.39
C LEU A 280 11.12 -17.21 -57.49
N SER A 281 10.84 -18.45 -57.12
CA SER A 281 10.34 -19.42 -58.08
C SER A 281 8.92 -19.07 -58.52
N ASP A 282 8.51 -19.67 -59.64
CA ASP A 282 7.18 -19.47 -60.21
C ASP A 282 6.24 -20.57 -59.71
N ASN A 283 5.08 -20.69 -60.38
CA ASN A 283 4.03 -21.69 -60.21
C ASN A 283 3.09 -21.39 -59.04
N GLU A 284 3.31 -20.34 -58.27
CA GLU A 284 2.38 -19.77 -57.29
C GLU A 284 2.05 -20.70 -56.12
N GLU A 285 2.66 -21.87 -56.01
CA GLU A 285 2.45 -22.73 -54.85
C GLU A 285 3.74 -23.06 -54.11
N GLU A 286 4.86 -23.18 -54.82
CA GLU A 286 6.14 -23.35 -54.13
C GLU A 286 6.64 -22.04 -53.56
N ARG A 287 6.43 -20.94 -54.27
CA ARG A 287 6.80 -19.63 -53.75
C ARG A 287 5.98 -19.29 -52.51
N HIS A 288 4.68 -19.62 -52.54
CA HIS A 288 3.83 -19.37 -51.38
C HIS A 288 4.30 -20.17 -50.17
N ALA A 289 4.62 -21.46 -50.36
CA ALA A 289 5.10 -22.27 -49.26
C ALA A 289 6.44 -21.75 -48.73
N LYS A 290 7.33 -21.36 -49.63
CA LYS A 290 8.62 -20.82 -49.21
C LYS A 290 8.44 -19.53 -48.42
N ILE A 291 7.48 -18.69 -48.83
CA ILE A 291 7.21 -17.46 -48.11
C ILE A 291 6.66 -17.76 -46.72
N MET A 292 5.67 -18.65 -46.64
CA MET A 292 5.07 -18.98 -45.35
C MET A 292 6.02 -19.73 -44.44
N LYS A 293 7.08 -20.33 -44.99
CA LYS A 293 8.07 -21.01 -44.15
C LYS A 293 9.18 -20.05 -43.70
N ASP A 294 9.83 -19.39 -44.65
CA ASP A 294 10.97 -18.52 -44.31
C ASP A 294 10.53 -17.32 -43.49
N PHE A 295 9.40 -16.71 -43.84
CA PHE A 295 8.93 -15.50 -43.18
C PHE A 295 8.16 -15.77 -41.90
N GLY A 296 7.94 -17.04 -41.56
CA GLY A 296 7.25 -17.37 -40.32
C GLY A 296 5.81 -16.90 -40.27
N LEU A 297 5.08 -17.09 -41.35
CA LEU A 297 3.67 -16.69 -41.43
C LEU A 297 2.73 -17.80 -40.98
N ILE A 298 3.26 -18.93 -40.52
CA ILE A 298 2.47 -20.07 -40.06
C ILE A 298 2.84 -20.35 -38.61
N GLU A 299 1.83 -20.50 -37.76
CA GLU A 299 2.05 -20.84 -36.36
C GLU A 299 1.11 -21.96 -35.95
N ARG A 300 1.70 -23.05 -35.46
CA ARG A 300 0.95 -24.20 -34.99
C ARG A 300 0.68 -24.06 -33.50
N ARG A 301 -0.41 -24.65 -33.03
CA ARG A 301 -0.79 -24.52 -31.63
C ARG A 301 -1.66 -25.71 -31.24
N SER A 302 -1.99 -25.78 -29.95
CA SER A 302 -2.84 -26.83 -29.42
C SER A 302 -3.61 -26.29 -28.22
N GLN A 303 -4.72 -26.94 -27.91
CA GLN A 303 -5.59 -26.55 -26.80
C GLN A 303 -5.38 -27.52 -25.65
N ASN A 304 -4.84 -27.03 -24.55
CA ASN A 304 -4.66 -27.81 -23.33
C ASN A 304 -5.63 -27.25 -22.29
N ILE A 305 -6.85 -27.79 -22.29
CA ILE A 305 -7.92 -27.27 -21.43
C ILE A 305 -7.82 -27.99 -20.09
N THR A 306 -7.07 -27.39 -19.16
CA THR A 306 -7.05 -27.84 -17.77
C THR A 306 -7.34 -26.64 -16.88
N VAL A 307 -8.26 -26.82 -15.94
CA VAL A 307 -8.76 -25.68 -15.15
C VAL A 307 -9.33 -26.21 -13.86
N ILE A 308 -9.27 -25.38 -12.82
CA ILE A 308 -9.89 -25.71 -11.53
C ILE A 308 -11.38 -25.46 -11.60
N ASN A 309 -12.16 -26.39 -11.08
CA ASN A 309 -13.62 -26.29 -11.08
C ASN A 309 -14.07 -25.52 -9.83
N GLU A 310 -15.37 -25.58 -9.53
CA GLU A 310 -15.91 -24.83 -8.39
C GLU A 310 -15.30 -25.28 -7.08
N LYS A 311 -14.85 -26.54 -6.99
CA LYS A 311 -14.16 -27.03 -5.81
C LYS A 311 -12.64 -26.94 -6.04
N GLY A 312 -11.89 -27.52 -5.11
CA GLY A 312 -10.45 -27.51 -5.24
C GLY A 312 -9.88 -28.44 -6.28
N LYS A 313 -10.71 -29.35 -6.82
CA LYS A 313 -10.23 -30.31 -7.80
C LYS A 313 -9.92 -29.63 -9.13
N LEU A 314 -8.90 -30.13 -9.81
CA LEU A 314 -8.51 -29.65 -11.12
C LEU A 314 -8.94 -30.65 -12.17
N GLN A 315 -9.64 -30.19 -13.20
CA GLN A 315 -10.20 -31.05 -14.23
C GLN A 315 -9.67 -30.65 -15.60
N VAL A 316 -9.48 -31.66 -16.46
CA VAL A 316 -9.04 -31.46 -17.83
C VAL A 316 -10.19 -31.83 -18.76
N TYR A 317 -10.55 -30.89 -19.64
CA TYR A 317 -11.65 -31.06 -20.57
C TYR A 317 -11.11 -31.21 -21.98
N ASP A 318 -11.65 -32.19 -22.71
CA ASP A 318 -11.20 -32.43 -24.08
C ASP A 318 -11.65 -31.33 -25.04
N ASN A 319 -12.87 -30.84 -24.89
CA ASN A 319 -13.38 -29.77 -25.74
C ASN A 319 -14.10 -28.74 -24.89
N VAL A 320 -14.21 -27.53 -25.44
CA VAL A 320 -14.84 -26.42 -24.71
C VAL A 320 -16.33 -26.63 -24.50
N VAL A 321 -16.95 -27.57 -25.23
CA VAL A 321 -18.38 -27.81 -25.08
C VAL A 321 -18.71 -28.28 -23.67
N ASP A 322 -17.90 -29.20 -23.14
CA ASP A 322 -18.11 -29.68 -21.78
C ASP A 322 -17.94 -28.56 -20.76
N LEU A 323 -16.96 -27.68 -20.99
CA LEU A 323 -16.77 -26.54 -20.10
C LEU A 323 -17.98 -25.63 -20.12
N ILE A 324 -18.53 -25.35 -21.30
CA ILE A 324 -19.71 -24.51 -21.41
C ILE A 324 -20.88 -25.15 -20.67
N LYS A 325 -21.08 -26.45 -20.88
CA LYS A 325 -22.21 -27.15 -20.26
C LYS A 325 -22.11 -27.12 -18.74
N ASP A 326 -20.92 -27.43 -18.21
CA ASP A 326 -20.76 -27.45 -16.75
C ASP A 326 -20.90 -26.05 -16.15
N PHE A 327 -20.34 -25.04 -16.83
CA PHE A 327 -20.45 -23.68 -16.32
C PHE A 327 -21.90 -23.23 -16.27
N VAL A 328 -22.66 -23.52 -17.33
CA VAL A 328 -24.06 -23.13 -17.33
C VAL A 328 -24.85 -23.92 -16.29
N GLU A 329 -24.48 -25.19 -16.05
CA GLU A 329 -25.14 -25.97 -15.00
C GLU A 329 -24.93 -25.34 -13.63
N VAL A 330 -23.71 -24.88 -13.35
CA VAL A 330 -23.44 -24.24 -12.06
C VAL A 330 -24.19 -22.90 -11.96
N ARG A 331 -24.13 -22.10 -13.03
CA ARG A 331 -24.77 -20.79 -13.00
C ARG A 331 -26.28 -20.89 -12.89
N LYS A 332 -26.88 -22.00 -13.34
CA LYS A 332 -28.32 -22.18 -13.17
C LYS A 332 -28.69 -22.20 -11.70
N THR A 333 -27.98 -22.99 -10.90
CA THR A 333 -28.24 -23.03 -9.46
C THR A 333 -27.92 -21.68 -8.81
N TYR A 334 -26.83 -21.05 -9.22
CA TYR A 334 -26.49 -19.77 -8.61
C TYR A 334 -27.47 -18.67 -8.99
N VAL A 335 -28.24 -18.85 -10.07
CA VAL A 335 -29.32 -17.92 -10.40
C VAL A 335 -30.58 -18.27 -9.62
N GLN A 336 -30.84 -19.57 -9.42
CA GLN A 336 -31.98 -19.98 -8.60
C GLN A 336 -31.86 -19.42 -7.19
N LYS A 337 -30.65 -19.39 -6.65
CA LYS A 337 -30.43 -18.80 -5.33
C LYS A 337 -30.89 -17.34 -5.30
N ARG A 338 -30.48 -16.57 -6.32
CA ARG A 338 -30.89 -15.17 -6.39
C ARG A 338 -32.40 -15.04 -6.53
N ILE A 339 -33.03 -15.95 -7.28
CA ILE A 339 -34.48 -15.92 -7.44
C ILE A 339 -35.15 -16.09 -6.08
N ASP A 340 -34.73 -17.09 -5.32
CA ASP A 340 -35.34 -17.33 -4.01
C ASP A 340 -35.14 -16.13 -3.08
N ASN A 341 -33.92 -15.59 -3.04
CA ASN A 341 -33.65 -14.48 -2.14
C ASN A 341 -34.41 -13.23 -2.55
N LYS A 342 -34.56 -13.01 -3.86
CA LYS A 342 -35.34 -11.87 -4.34
C LYS A 342 -36.81 -12.01 -3.92
N ILE A 343 -37.36 -13.21 -4.04
CA ILE A 343 -38.73 -13.43 -3.58
C ILE A 343 -38.85 -13.09 -2.10
N LYS A 344 -37.90 -13.60 -1.30
CA LYS A 344 -37.96 -13.39 0.14
C LYS A 344 -37.89 -11.92 0.50
N GLU A 345 -37.00 -11.17 -0.16
CA GLU A 345 -36.87 -9.75 0.16
C GLU A 345 -38.08 -8.94 -0.33
N THR A 346 -38.57 -9.26 -1.53
CA THR A 346 -39.68 -8.50 -2.10
C THR A 346 -40.96 -8.70 -1.31
N GLU A 347 -41.20 -9.89 -0.76
CA GLU A 347 -42.39 -10.08 0.06
C GLU A 347 -42.37 -9.16 1.28
N SER A 348 -41.22 -9.07 1.95
CA SER A 348 -41.10 -8.20 3.12
C SER A 348 -41.24 -6.73 2.72
N ALA A 349 -40.64 -6.34 1.58
CA ALA A 349 -40.76 -4.96 1.13
C ALA A 349 -42.21 -4.60 0.84
N PHE A 350 -42.94 -5.50 0.17
CA PHE A 350 -44.35 -5.25 -0.12
C PHE A 350 -45.17 -5.15 1.15
N ARG A 351 -44.90 -6.02 2.13
CA ARG A 351 -45.62 -5.94 3.39
C ARG A 351 -45.37 -4.63 4.11
N LEU A 352 -44.10 -4.18 4.13
CA LEU A 352 -43.77 -2.91 4.75
C LEU A 352 -44.48 -1.76 4.05
N ALA A 353 -44.49 -1.77 2.72
CA ALA A 353 -45.17 -0.70 1.98
C ALA A 353 -46.67 -0.71 2.24
N PHE A 354 -47.27 -1.89 2.32
CA PHE A 354 -48.70 -1.98 2.63
C PHE A 354 -49.01 -1.40 4.00
N ALA A 355 -48.18 -1.74 5.00
CA ALA A 355 -48.39 -1.19 6.34
C ALA A 355 -48.20 0.33 6.33
N LYS A 356 -47.22 0.83 5.60
CA LYS A 356 -47.01 2.27 5.50
C LYS A 356 -48.22 2.97 4.90
N ALA A 357 -48.76 2.42 3.82
CA ALA A 357 -49.93 3.01 3.19
C ALA A 357 -51.13 2.96 4.12
N HIS A 358 -51.32 1.85 4.83
CA HIS A 358 -52.41 1.74 5.80
C HIS A 358 -52.29 2.82 6.87
N PHE A 359 -51.08 3.01 7.40
CA PHE A 359 -50.89 4.00 8.45
C PHE A 359 -51.18 5.41 7.94
N ILE A 360 -50.69 5.74 6.75
CA ILE A 360 -50.92 7.09 6.25
C ILE A 360 -52.40 7.32 5.95
N LYS A 361 -53.11 6.31 5.44
CA LYS A 361 -54.52 6.51 5.14
C LYS A 361 -55.35 6.60 6.42
N LYS A 362 -54.98 5.85 7.46
CA LYS A 362 -55.67 5.97 8.74
C LYS A 362 -55.40 7.33 9.37
N VAL A 363 -54.17 7.83 9.24
CA VAL A 363 -53.84 9.13 9.83
C VAL A 363 -54.58 10.25 9.12
N ILE A 364 -54.58 10.25 7.79
CA ILE A 364 -55.31 11.29 7.07
C ILE A 364 -56.81 11.14 7.28
N SER A 365 -57.29 9.92 7.52
CA SER A 365 -58.69 9.72 7.85
C SER A 365 -59.03 10.18 9.26
N GLY A 366 -58.02 10.27 10.14
CA GLY A 366 -58.24 10.74 11.49
C GLY A 366 -58.70 9.70 12.48
N GLU A 367 -58.72 8.42 12.11
CA GLU A 367 -59.12 7.38 13.05
C GLU A 367 -58.15 7.26 14.21
N ILE A 368 -56.85 7.38 13.93
CA ILE A 368 -55.82 7.35 14.96
C ILE A 368 -55.09 8.69 14.93
N VAL A 369 -54.98 9.32 16.09
CA VAL A 369 -54.40 10.65 16.23
C VAL A 369 -52.93 10.51 16.61
N VAL A 370 -52.06 11.17 15.85
CA VAL A 370 -50.63 11.14 16.16
C VAL A 370 -50.31 12.14 17.27
N GLN A 371 -51.15 13.15 17.45
CA GLN A 371 -50.95 14.14 18.49
C GLN A 371 -51.76 13.79 19.74
N GLY A 372 -51.43 14.43 20.84
CA GLY A 372 -52.12 14.20 22.09
C GLY A 372 -51.83 12.87 22.76
N LYS A 373 -50.80 12.16 22.29
CA LYS A 373 -50.46 10.83 22.82
C LYS A 373 -49.14 10.96 23.58
N THR A 374 -49.24 11.04 24.90
CA THR A 374 -48.05 11.16 25.74
C THR A 374 -47.27 9.85 25.75
N ARG A 375 -45.97 9.97 26.07
CA ARG A 375 -45.06 8.82 26.13
C ARG A 375 -45.05 8.09 24.78
N LYS A 376 -45.13 8.88 23.70
CA LYS A 376 -45.31 8.39 22.33
C LYS A 376 -46.23 7.18 22.31
N GLU A 377 -47.46 7.42 22.79
CA GLU A 377 -48.40 6.33 23.06
C GLU A 377 -48.66 5.50 21.81
N LEU A 378 -48.48 6.08 20.63
CA LEU A 378 -48.72 5.40 19.36
C LEU A 378 -48.19 3.98 19.38
N THR A 379 -46.88 3.82 19.60
CA THR A 379 -46.25 2.51 19.52
C THR A 379 -46.99 1.48 20.37
N GLU A 380 -47.43 1.88 21.56
CA GLU A 380 -48.08 0.93 22.47
C GLU A 380 -49.32 0.30 21.83
N GLU A 381 -50.13 1.11 21.15
CA GLU A 381 -51.24 0.49 20.42
C GLU A 381 -50.78 -0.13 19.11
N LEU A 382 -49.74 0.43 18.47
CA LEU A 382 -49.27 -0.18 17.22
C LEU A 382 -48.73 -1.58 17.47
N SER A 383 -48.22 -1.85 18.67
CA SER A 383 -47.75 -3.18 19.02
C SER A 383 -48.88 -4.19 19.16
N LYS A 384 -50.13 -3.74 19.24
CA LYS A 384 -51.27 -4.64 19.38
C LYS A 384 -52.23 -4.53 18.20
N ILE A 385 -51.70 -4.22 17.02
CA ILE A 385 -52.46 -4.23 15.77
C ILE A 385 -51.94 -5.39 14.93
N ASP A 386 -52.80 -5.90 14.04
CA ASP A 386 -52.49 -7.12 13.30
C ASP A 386 -51.19 -6.98 12.50
N MET A 387 -51.05 -5.89 11.75
CA MET A 387 -49.88 -5.70 10.89
C MET A 387 -48.96 -4.59 11.35
N TYR A 388 -49.40 -3.70 12.24
CA TYR A 388 -48.56 -2.59 12.67
C TYR A 388 -47.34 -3.08 13.44
N SER A 389 -47.55 -4.05 14.34
CA SER A 389 -46.56 -4.38 15.35
C SER A 389 -45.22 -4.80 14.75
N SER A 390 -45.22 -5.26 13.50
CA SER A 390 -43.98 -5.73 12.91
C SER A 390 -43.05 -4.58 12.52
N TYR A 391 -43.60 -3.41 12.16
CA TYR A 391 -42.77 -2.33 11.65
C TYR A 391 -43.04 -1.02 12.39
N VAL A 392 -43.32 -1.11 13.69
CA VAL A 392 -43.67 0.09 14.45
C VAL A 392 -42.59 1.14 14.34
N ASP A 393 -41.33 0.74 14.56
CA ASP A 393 -40.22 1.69 14.47
C ASP A 393 -40.17 2.36 13.11
N LYS A 394 -40.44 1.59 12.05
CA LYS A 394 -40.49 2.18 10.72
C LYS A 394 -41.80 2.94 10.51
N LEU A 395 -42.89 2.46 11.11
CA LEU A 395 -44.20 3.06 10.89
C LEU A 395 -44.31 4.44 11.55
N VAL A 396 -43.47 4.72 12.54
CA VAL A 396 -43.47 6.04 13.18
C VAL A 396 -42.42 6.97 12.60
N GLY A 397 -41.55 6.47 11.71
CA GLY A 397 -40.55 7.31 11.08
C GLY A 397 -41.05 7.93 9.79
N MET A 398 -42.23 8.54 9.84
CA MET A 398 -42.87 9.14 8.68
C MET A 398 -42.66 10.65 8.69
N ASN A 399 -42.18 11.18 7.57
CA ASN A 399 -41.93 12.61 7.45
C ASN A 399 -43.25 13.37 7.24
N ILE A 400 -43.17 14.69 7.40
CA ILE A 400 -44.35 15.54 7.25
C ILE A 400 -44.90 15.46 5.84
N PHE A 401 -44.02 15.60 4.84
CA PHE A 401 -44.48 15.54 3.46
C PHE A 401 -45.04 14.17 3.11
N HIS A 402 -44.77 13.16 3.92
CA HIS A 402 -45.38 11.85 3.69
C HIS A 402 -46.86 11.84 4.08
N MET A 403 -47.31 12.78 4.91
CA MET A 403 -48.75 12.92 5.11
C MET A 403 -49.43 13.64 3.96
N THR A 404 -48.68 14.41 3.18
CA THR A 404 -49.27 15.09 2.04
C THR A 404 -49.79 14.07 1.04
N SER A 405 -50.94 14.39 0.43
CA SER A 405 -51.57 13.47 -0.50
C SER A 405 -50.63 13.09 -1.64
N ASP A 406 -49.78 14.04 -2.07
CA ASP A 406 -48.87 13.77 -3.18
C ASP A 406 -47.97 12.59 -2.88
N GLU A 407 -47.34 12.58 -1.70
CA GLU A 407 -46.52 11.46 -1.27
C GLU A 407 -47.33 10.35 -0.63
N ALA A 408 -48.64 10.53 -0.49
CA ALA A 408 -49.51 9.49 0.06
C ALA A 408 -50.07 8.59 -1.02
N LYS A 409 -50.84 9.16 -1.95
CA LYS A 409 -51.47 8.35 -3.00
C LYS A 409 -50.43 7.52 -3.75
N LYS A 410 -49.39 8.18 -4.28
CA LYS A 410 -48.34 7.45 -4.98
C LYS A 410 -47.76 6.34 -4.11
N LEU A 411 -47.58 6.61 -2.81
CA LEU A 411 -47.08 5.58 -1.92
C LEU A 411 -47.92 4.32 -2.02
N ALA A 412 -49.25 4.46 -1.89
CA ALA A 412 -50.13 3.31 -2.04
C ALA A 412 -49.89 2.64 -3.38
N GLU A 413 -49.86 3.42 -4.47
CA GLU A 413 -49.59 2.84 -5.77
C GLU A 413 -48.25 2.14 -5.79
N GLU A 414 -47.23 2.78 -5.20
CA GLU A 414 -45.93 2.13 -5.11
C GLU A 414 -46.05 0.79 -4.41
N ALA A 415 -46.76 0.76 -3.28
CA ALA A 415 -47.01 -0.51 -2.60
C ALA A 415 -47.62 -1.51 -3.56
N LYS A 416 -48.68 -1.10 -4.27
CA LYS A 416 -49.31 -1.99 -5.24
C LYS A 416 -48.29 -2.53 -6.22
N ALA A 417 -47.43 -1.65 -6.75
CA ALA A 417 -46.39 -2.09 -7.65
C ALA A 417 -45.56 -3.20 -7.03
N LYS A 418 -45.06 -2.97 -5.82
CA LYS A 418 -44.28 -4.00 -5.14
C LYS A 418 -45.05 -5.31 -5.11
N LYS A 419 -46.33 -5.24 -4.78
CA LYS A 419 -47.14 -6.46 -4.72
C LYS A 419 -47.08 -7.21 -6.04
N GLU A 420 -47.40 -6.53 -7.14
CA GLU A 420 -47.37 -7.24 -8.42
C GLU A 420 -45.94 -7.60 -8.79
N GLU A 421 -44.98 -6.76 -8.38
CA GLU A 421 -43.58 -7.10 -8.61
C GLU A 421 -43.23 -8.40 -7.92
N ASN A 422 -43.77 -8.63 -6.71
CA ASN A 422 -43.57 -9.91 -6.05
C ASN A 422 -44.03 -11.05 -6.92
N GLU A 423 -45.21 -10.92 -7.53
CA GLU A 423 -45.71 -11.96 -8.42
C GLU A 423 -44.73 -12.21 -9.55
N TYR A 424 -44.10 -11.15 -10.07
CA TYR A 424 -43.14 -11.31 -11.15
C TYR A 424 -42.00 -12.21 -10.72
N TRP A 425 -41.53 -12.04 -9.48
CA TRP A 425 -40.48 -12.92 -8.98
C TRP A 425 -41.04 -14.30 -8.63
N LYS A 426 -42.33 -14.37 -8.28
CA LYS A 426 -42.90 -15.63 -7.82
C LYS A 426 -43.12 -16.61 -8.98
N THR A 427 -43.52 -16.10 -10.14
CA THR A 427 -43.86 -16.96 -11.26
C THR A 427 -42.71 -17.16 -12.24
N THR A 428 -41.68 -16.32 -12.20
CA THR A 428 -40.58 -16.46 -13.13
C THR A 428 -39.72 -17.67 -12.79
N ASP A 429 -39.01 -18.17 -13.79
CA ASP A 429 -38.16 -19.34 -13.66
C ASP A 429 -36.70 -18.96 -13.91
N VAL A 430 -35.81 -19.92 -13.67
CA VAL A 430 -34.38 -19.69 -13.82
C VAL A 430 -34.03 -19.48 -15.29
N VAL A 431 -34.63 -20.25 -16.19
CA VAL A 431 -34.27 -20.20 -17.60
C VAL A 431 -34.56 -18.83 -18.18
N THR A 432 -35.74 -18.29 -17.91
CA THR A 432 -36.10 -16.98 -18.44
C THR A 432 -35.21 -15.88 -17.88
N GLU A 433 -34.94 -15.92 -16.58
CA GLU A 433 -34.08 -14.91 -15.96
C GLU A 433 -32.68 -14.95 -16.54
N TYR A 434 -32.13 -16.15 -16.70
CA TYR A 434 -30.78 -16.26 -17.27
C TYR A 434 -30.76 -15.86 -18.73
N THR A 435 -31.82 -16.14 -19.48
CA THR A 435 -31.88 -15.67 -20.87
C THR A 435 -31.91 -14.16 -20.94
N LYS A 436 -32.69 -13.52 -20.05
CA LYS A 436 -32.70 -12.06 -20.00
C LYS A 436 -31.33 -11.51 -19.64
N ASP A 437 -30.66 -12.13 -18.67
CA ASP A 437 -29.32 -11.71 -18.29
C ASP A 437 -28.34 -11.86 -19.45
N LEU A 438 -28.45 -12.97 -20.20
CA LEU A 438 -27.59 -13.19 -21.36
C LEU A 438 -27.80 -12.12 -22.41
N GLU A 439 -29.06 -11.77 -22.68
CA GLU A 439 -29.33 -10.73 -23.67
C GLU A 439 -28.86 -9.36 -23.17
N GLU A 440 -28.88 -9.13 -21.86
CA GLU A 440 -28.51 -7.83 -21.32
C GLU A 440 -27.05 -7.46 -21.60
N ILE A 441 -26.19 -8.46 -21.85
CA ILE A 441 -24.76 -8.21 -21.96
C ILE A 441 -24.39 -7.41 -23.21
N LYS A 442 -25.33 -7.21 -24.13
CA LYS A 442 -25.06 -6.40 -25.31
C LYS A 442 -26.35 -5.77 -25.83
N MET B 1 4.32 22.33 -34.94
CA MET B 1 5.70 22.63 -35.28
C MET B 1 6.07 24.04 -34.83
N GLN B 2 5.25 24.61 -33.96
CA GLN B 2 5.47 25.96 -33.46
C GLN B 2 6.77 25.98 -32.68
N LEU B 3 7.80 26.63 -33.24
CA LEU B 3 9.14 26.61 -32.67
C LEU B 3 9.40 27.94 -31.97
N ASN B 4 9.17 27.95 -30.66
CA ASN B 4 9.69 29.02 -29.82
C ASN B 4 11.05 28.60 -29.27
N ASN B 5 12.00 29.53 -29.28
CA ASN B 5 13.38 29.15 -29.03
C ASN B 5 14.16 30.31 -28.44
N ARG B 6 14.74 30.09 -27.27
CA ARG B 6 15.64 31.04 -26.62
C ARG B 6 16.85 30.27 -26.12
N ASP B 7 18.02 30.91 -26.18
CA ASP B 7 19.27 30.27 -25.77
C ASP B 7 19.54 30.56 -24.28
N LEU B 8 18.60 30.14 -23.44
CA LEU B 8 18.66 30.42 -22.01
C LEU B 8 18.96 29.13 -21.25
N LYS B 9 20.26 28.83 -21.12
CA LYS B 9 20.67 27.66 -20.36
C LYS B 9 20.47 27.85 -18.87
N SER B 10 20.15 29.07 -18.44
CA SER B 10 19.87 29.33 -17.02
C SER B 10 18.69 28.52 -16.52
N ILE B 11 17.86 27.99 -17.42
CA ILE B 11 16.79 27.07 -17.04
C ILE B 11 17.31 25.83 -16.31
N ILE B 12 18.62 25.59 -16.34
CA ILE B 12 19.21 24.52 -15.56
C ILE B 12 18.99 24.75 -14.06
N ASP B 13 18.66 25.98 -13.67
CA ASP B 13 18.28 26.23 -12.29
C ASP B 13 17.07 25.40 -11.87
N ASN B 14 16.20 25.04 -12.84
CA ASN B 14 15.07 24.17 -12.54
C ASN B 14 15.54 22.86 -11.93
N GLU B 15 16.76 22.41 -12.27
CA GLU B 15 17.37 21.31 -11.53
C GLU B 15 17.56 21.68 -10.07
N ALA B 16 18.38 22.71 -9.81
CA ALA B 16 18.66 23.11 -8.44
C ALA B 16 17.37 23.44 -7.70
N LEU B 17 16.48 24.21 -8.35
CA LEU B 17 15.17 24.49 -7.76
C LEU B 17 14.46 23.19 -7.37
N ALA B 18 14.40 22.23 -8.31
CA ALA B 18 13.82 20.94 -7.97
C ALA B 18 14.61 20.29 -6.85
N TYR B 19 15.95 20.34 -6.94
CA TYR B 19 16.76 19.84 -5.83
C TYR B 19 16.49 20.64 -4.56
N ALA B 20 16.26 21.95 -4.70
CA ALA B 20 15.83 22.74 -3.56
C ALA B 20 14.53 22.20 -3.00
N MET B 21 13.58 21.86 -3.89
CA MET B 21 12.35 21.24 -3.44
C MET B 21 12.63 19.88 -2.80
N TYR B 22 13.67 19.20 -3.27
CA TYR B 22 14.05 17.94 -2.65
C TYR B 22 14.82 18.12 -1.35
N THR B 23 15.24 19.36 -1.04
CA THR B 23 15.96 19.65 0.19
C THR B 23 15.24 20.69 1.05
N VAL B 24 13.96 20.96 0.77
CA VAL B 24 13.15 21.88 1.56
C VAL B 24 11.92 21.19 2.13
N GLU B 25 11.15 20.52 1.26
CA GLU B 25 9.94 19.83 1.69
C GLU B 25 10.23 18.41 2.19
N ASN B 26 11.49 17.97 2.15
CA ASN B 26 11.89 16.65 2.62
C ASN B 26 13.08 16.75 3.55
N ARG B 27 13.11 17.78 4.39
CA ARG B 27 14.20 17.98 5.33
C ARG B 27 14.03 17.05 6.52
N ALA B 28 14.85 17.24 7.55
CA ALA B 28 14.76 16.48 8.78
C ALA B 28 14.45 17.35 9.99
N ILE B 29 14.33 18.66 9.82
CA ILE B 29 14.04 19.56 10.93
C ILE B 29 12.57 19.42 11.31
N PRO B 30 12.25 19.31 12.60
CA PRO B 30 10.83 19.27 13.01
C PRO B 30 10.15 20.61 12.86
N ASN B 31 8.83 20.66 13.09
CA ASN B 31 8.05 21.89 12.98
C ASN B 31 7.63 22.35 14.37
N MET B 32 7.80 23.64 14.64
CA MET B 32 7.67 24.13 16.01
C MET B 32 6.22 24.12 16.48
N ILE B 33 5.27 24.38 15.59
CA ILE B 33 3.88 24.46 16.01
C ILE B 33 3.35 23.09 16.39
N ASP B 34 3.58 22.08 15.54
CA ASP B 34 3.00 20.77 15.72
C ASP B 34 3.94 19.71 16.28
N GLY B 35 5.25 19.94 16.25
CA GLY B 35 6.17 18.99 16.85
C GLY B 35 6.37 17.71 16.08
N PHE B 36 6.12 17.71 14.78
CA PHE B 36 6.23 16.51 13.94
C PHE B 36 7.44 16.62 13.04
N LYS B 37 7.62 15.59 12.22
CA LYS B 37 8.59 15.55 11.15
C LYS B 37 7.86 15.25 9.84
N PRO B 38 8.49 15.54 8.70
CA PRO B 38 7.78 15.30 7.41
C PRO B 38 7.26 13.88 7.26
N VAL B 39 8.02 12.88 7.71
CA VAL B 39 7.54 11.50 7.63
C VAL B 39 6.40 11.27 8.61
N GLN B 40 6.55 11.76 9.84
CA GLN B 40 5.54 11.52 10.87
C GLN B 40 4.22 12.18 10.51
N ARG B 41 4.26 13.28 9.74
CA ARG B 41 3.02 13.91 9.31
C ARG B 41 2.17 12.93 8.50
N PHE B 42 2.77 12.32 7.47
CA PHE B 42 2.03 11.36 6.65
C PHE B 42 1.67 10.12 7.46
N VAL B 43 2.56 9.67 8.34
CA VAL B 43 2.27 8.48 9.14
C VAL B 43 1.04 8.70 10.00
N ILE B 44 0.99 9.84 10.70
CA ILE B 44 -0.12 10.13 11.59
C ILE B 44 -1.39 10.39 10.79
N ALA B 45 -1.27 11.05 9.63
CA ALA B 45 -2.45 11.27 8.79
C ALA B 45 -3.05 9.95 8.33
N ARG B 46 -2.21 9.02 7.89
CA ARG B 46 -2.72 7.72 7.46
C ARG B 46 -3.31 6.94 8.64
N ALA B 47 -2.69 7.04 9.81
CA ALA B 47 -3.24 6.37 10.99
C ALA B 47 -4.61 6.94 11.36
N LEU B 48 -4.75 8.26 11.31
CA LEU B 48 -6.04 8.88 11.59
C LEU B 48 -7.08 8.48 10.56
N ASP B 49 -6.70 8.43 9.28
CA ASP B 49 -7.63 8.02 8.24
C ASP B 49 -8.09 6.59 8.43
N LEU B 50 -7.15 5.69 8.77
CA LEU B 50 -7.51 4.28 8.94
C LEU B 50 -8.34 4.05 10.19
N ALA B 51 -8.06 4.80 11.27
CA ALA B 51 -8.76 4.57 12.54
C ALA B 51 -10.26 4.82 12.39
N ARG B 52 -10.63 5.92 11.74
CA ARG B 52 -12.03 6.30 11.55
C ARG B 52 -12.82 6.25 12.84
N GLY B 53 -14.05 5.72 12.79
CA GLY B 53 -14.87 5.63 13.98
C GLY B 53 -14.30 4.68 15.03
N ASN B 54 -13.82 3.51 14.60
CA ASN B 54 -13.27 2.53 15.51
C ASN B 54 -11.76 2.75 15.65
N LYS B 55 -11.43 3.81 16.40
CA LYS B 55 -10.02 4.14 16.64
C LYS B 55 -9.31 3.08 17.47
N ASP B 56 -10.06 2.21 18.15
CA ASP B 56 -9.45 1.17 18.96
C ASP B 56 -8.92 0.00 18.11
N LYS B 57 -9.24 -0.03 16.82
CA LYS B 57 -8.80 -1.13 15.97
C LYS B 57 -7.30 -1.06 15.74
N PHE B 58 -6.63 -2.20 15.88
CA PHE B 58 -5.19 -2.29 15.70
C PHE B 58 -4.87 -2.55 14.23
N HIS B 59 -4.40 -1.52 13.53
CA HIS B 59 -3.99 -1.68 12.15
C HIS B 59 -2.56 -2.19 12.06
N LYS B 60 -2.29 -3.00 11.05
CA LYS B 60 -0.94 -3.49 10.82
C LYS B 60 -0.01 -2.33 10.48
N LEU B 61 1.24 -2.43 10.94
CA LEU B 61 2.22 -1.39 10.65
C LEU B 61 2.51 -1.30 9.15
N ALA B 62 2.45 -2.43 8.45
CA ALA B 62 2.65 -2.41 7.00
C ALA B 62 1.58 -1.57 6.31
N SER B 63 0.31 -1.76 6.70
CA SER B 63 -0.75 -0.95 6.12
C SER B 63 -0.66 0.49 6.58
N ILE B 64 -0.16 0.72 7.80
CA ILE B 64 -0.08 2.07 8.34
C ILE B 64 0.96 2.88 7.58
N ALA B 65 2.14 2.32 7.36
CA ALA B 65 3.27 3.07 6.82
C ALA B 65 3.64 2.67 5.40
N GLY B 66 2.80 1.89 4.71
CA GLY B 66 3.09 1.53 3.34
C GLY B 66 2.15 2.18 2.36
N GLY B 67 0.97 2.59 2.86
CA GLY B 67 -0.01 3.25 2.02
C GLY B 67 0.12 4.76 2.05
N VAL B 68 1.24 5.27 2.57
CA VAL B 68 1.46 6.72 2.61
C VAL B 68 1.91 7.29 1.29
N ALA B 69 2.15 6.44 0.28
CA ALA B 69 2.62 6.93 -1.01
C ALA B 69 1.57 7.82 -1.68
N ASP B 70 0.31 7.40 -1.64
CA ASP B 70 -0.74 8.18 -2.28
C ASP B 70 -1.09 9.45 -1.51
N LEU B 71 -0.71 9.52 -0.23
CA LEU B 71 -0.97 10.72 0.56
C LEU B 71 -0.07 11.88 0.17
N GLY B 72 0.96 11.64 -0.65
CA GLY B 72 1.83 12.71 -1.08
C GLY B 72 3.24 12.57 -0.56
N TYR B 73 3.70 11.34 -0.35
CA TYR B 73 5.04 11.06 0.16
C TYR B 73 5.94 10.69 -1.01
N HIS B 74 6.87 11.58 -1.36
CA HIS B 74 7.79 11.34 -2.46
C HIS B 74 9.10 10.73 -1.94
N HIS B 75 8.96 9.56 -1.33
CA HIS B 75 10.10 8.82 -0.80
C HIS B 75 9.69 7.37 -0.60
N GLY B 76 10.69 6.53 -0.34
CA GLY B 76 10.41 5.14 -0.10
C GLY B 76 9.62 4.92 1.17
N GLU B 77 8.80 3.86 1.18
CA GLU B 77 7.98 3.54 2.33
C GLU B 77 8.80 3.04 3.52
N ASN B 78 10.08 2.71 3.31
CA ASN B 78 10.91 2.22 4.41
C ASN B 78 11.09 3.28 5.49
N SER B 79 11.23 4.55 5.08
CA SER B 79 11.36 5.62 6.05
C SER B 79 10.12 5.73 6.92
N ALA B 80 8.94 5.64 6.31
CA ALA B 80 7.70 5.66 7.09
C ALA B 80 7.60 4.43 7.99
N GLN B 81 8.01 3.28 7.49
CA GLN B 81 7.93 2.05 8.30
C GLN B 81 8.83 2.14 9.52
N ASP B 82 10.04 2.66 9.36
CA ASP B 82 10.96 2.78 10.48
C ASP B 82 10.57 3.92 11.43
N ALA B 83 10.06 5.02 10.89
CA ALA B 83 9.61 6.12 11.73
C ALA B 83 8.31 5.83 12.45
N GLY B 84 7.60 4.77 12.05
CA GLY B 84 6.41 4.36 12.77
C GLY B 84 6.67 3.56 14.02
N ALA B 85 7.92 3.16 14.25
CA ALA B 85 8.30 2.42 15.45
C ALA B 85 9.19 3.21 16.39
N LEU B 86 9.91 4.20 15.88
CA LEU B 86 10.72 5.07 16.72
C LEU B 86 9.91 6.21 17.34
N MET B 87 8.62 6.28 17.04
CA MET B 87 7.71 7.27 17.60
C MET B 87 6.55 6.66 18.36
N ALA B 88 6.14 5.43 18.03
CA ALA B 88 4.98 4.80 18.62
C ALA B 88 5.30 3.96 19.86
N ASN B 89 6.57 3.90 20.27
CA ASN B 89 6.96 3.09 21.42
C ASN B 89 6.74 3.89 22.70
N THR B 90 7.24 3.37 23.82
CA THR B 90 7.17 4.05 25.10
C THR B 90 8.53 4.29 25.74
N TRP B 91 9.57 3.61 25.29
CA TRP B 91 10.90 3.77 25.86
C TRP B 91 11.63 5.01 25.34
N ASN B 92 11.06 5.71 24.35
CA ASN B 92 11.72 6.86 23.76
C ASN B 92 10.86 8.12 23.78
N ASN B 93 9.71 8.09 24.45
CA ASN B 93 8.79 9.22 24.41
C ASN B 93 8.12 9.39 25.76
N ASN B 94 8.05 10.64 26.24
CA ASN B 94 7.20 10.97 27.37
C ASN B 94 5.76 11.20 26.95
N PHE B 95 5.49 11.22 25.65
CA PHE B 95 4.14 11.44 25.13
C PHE B 95 3.99 10.59 23.88
N PRO B 96 3.57 9.34 24.03
CA PRO B 96 3.43 8.47 22.86
C PRO B 96 2.28 8.90 21.97
N LEU B 97 2.60 9.45 20.80
CA LEU B 97 1.59 9.92 19.86
C LEU B 97 0.93 8.79 19.09
N LEU B 98 1.31 7.54 19.34
CA LEU B 98 0.76 6.40 18.62
C LEU B 98 0.93 5.17 19.51
N ASP B 99 -0.17 4.66 20.05
CA ASP B 99 -0.09 3.46 20.86
C ASP B 99 0.12 2.24 19.96
N GLY B 100 0.74 1.20 20.53
CA GLY B 100 1.06 0.02 19.77
C GLY B 100 0.77 -1.25 20.56
N GLN B 101 0.73 -2.36 19.82
CA GLN B 101 0.50 -3.70 20.38
C GLN B 101 1.49 -4.64 19.73
N GLY B 102 2.59 -4.93 20.42
CA GLY B 102 3.57 -5.85 19.91
C GLY B 102 4.94 -5.55 20.48
N ASN B 103 5.96 -6.10 19.81
CA ASN B 103 7.34 -5.95 20.23
C ASN B 103 7.91 -4.70 19.57
N PHE B 104 7.85 -3.58 20.30
CA PHE B 104 8.42 -2.33 19.84
C PHE B 104 9.79 -2.06 20.46
N GLY B 105 10.38 -3.05 21.12
CA GLY B 105 11.67 -2.89 21.74
C GLY B 105 11.61 -2.14 23.05
N SER B 106 12.79 -1.93 23.62
CA SER B 106 12.92 -1.19 24.87
C SER B 106 14.32 -0.58 24.90
N ARG B 107 14.63 0.10 26.01
CA ARG B 107 15.96 0.67 26.16
C ARG B 107 17.05 -0.40 26.23
N THR B 108 16.68 -1.63 26.59
CA THR B 108 17.66 -2.72 26.60
C THR B 108 18.11 -3.07 25.19
N VAL B 109 17.16 -3.23 24.27
CA VAL B 109 17.44 -3.52 22.87
C VAL B 109 16.60 -2.57 22.03
N GLN B 110 17.25 -1.57 21.42
CA GLN B 110 16.55 -0.54 20.67
C GLN B 110 16.36 -0.98 19.22
N LYS B 111 15.46 -1.95 19.06
CA LYS B 111 15.16 -2.49 17.74
C LYS B 111 13.70 -2.93 17.69
N ALA B 112 13.01 -2.54 16.63
CA ALA B 112 11.63 -2.98 16.42
C ALA B 112 11.62 -4.44 15.99
N ALA B 113 10.41 -5.03 16.00
CA ALA B 113 10.29 -6.45 15.71
C ALA B 113 10.39 -6.74 14.21
N ALA B 114 9.43 -6.23 13.44
CA ALA B 114 9.33 -6.56 12.03
C ALA B 114 8.51 -5.47 11.33
N SER B 115 8.04 -5.77 10.13
CA SER B 115 7.17 -4.87 9.38
C SER B 115 5.69 -5.17 9.55
N ARG B 116 5.32 -6.44 9.78
CA ARG B 116 3.92 -6.83 9.76
C ARG B 116 3.45 -7.58 11.00
N TYR B 117 4.33 -7.95 11.92
CA TYR B 117 3.91 -8.66 13.12
C TYR B 117 3.45 -7.73 14.23
N ILE B 118 3.48 -6.42 14.03
CA ILE B 118 3.10 -5.47 15.07
C ILE B 118 1.85 -4.73 14.62
N PHE B 119 1.30 -3.88 15.49
CA PHE B 119 0.09 -3.13 15.19
C PHE B 119 0.23 -1.73 15.78
N ALA B 120 -0.57 -0.81 15.27
CA ALA B 120 -0.52 0.57 15.72
C ALA B 120 -1.91 1.19 15.63
N ARG B 121 -2.13 2.22 16.44
CA ARG B 121 -3.36 2.98 16.42
C ARG B 121 -3.06 4.38 16.95
N VAL B 122 -3.94 5.32 16.63
CA VAL B 122 -3.82 6.66 17.20
C VAL B 122 -4.18 6.59 18.67
N SER B 123 -3.20 6.88 19.52
CA SER B 123 -3.37 6.69 20.96
C SER B 123 -4.34 7.71 21.53
N LYS B 124 -4.86 7.39 22.73
CA LYS B 124 -5.67 8.35 23.48
C LYS B 124 -4.87 9.56 23.91
N ASN B 125 -3.53 9.48 23.86
CA ASN B 125 -2.67 10.60 24.20
C ASN B 125 -2.61 11.65 23.11
N PHE B 126 -3.21 11.39 21.95
CA PHE B 126 -3.23 12.31 20.83
C PHE B 126 -4.50 13.14 20.75
N TYR B 127 -5.64 12.59 21.17
CA TYR B 127 -6.91 13.32 21.10
C TYR B 127 -7.07 14.35 22.19
N ASN B 128 -6.36 14.22 23.32
CA ASN B 128 -6.46 15.19 24.39
C ASN B 128 -5.49 16.35 24.25
N VAL B 129 -4.58 16.31 23.26
CA VAL B 129 -3.55 17.31 23.11
C VAL B 129 -3.44 17.85 21.69
N TYR B 130 -4.28 17.41 20.77
CA TYR B 130 -4.24 17.86 19.38
C TYR B 130 -5.63 18.24 18.89
N LYS B 131 -6.33 19.04 19.67
CA LYS B 131 -7.66 19.48 19.30
C LYS B 131 -7.60 20.45 18.11
N ASP B 132 -8.75 20.58 17.44
CA ASP B 132 -8.89 21.45 16.27
C ASP B 132 -7.95 21.02 15.15
N THR B 133 -8.10 19.76 14.73
CA THR B 133 -7.32 19.21 13.63
C THR B 133 -7.75 19.76 12.28
N GLU B 134 -9.03 20.07 12.10
CA GLU B 134 -9.57 20.47 10.81
C GLU B 134 -9.34 21.95 10.50
N TYR B 135 -8.69 22.69 11.39
CA TYR B 135 -8.40 24.11 11.15
C TYR B 135 -6.96 24.35 10.74
N ALA B 136 -6.17 23.29 10.59
CA ALA B 136 -4.79 23.46 10.16
C ALA B 136 -4.76 23.97 8.72
N PRO B 137 -3.96 24.98 8.42
CA PRO B 137 -3.89 25.48 7.05
C PRO B 137 -3.44 24.38 6.09
N VAL B 138 -4.07 24.35 4.92
CA VAL B 138 -3.72 23.35 3.91
C VAL B 138 -2.37 23.71 3.30
N HIS B 139 -1.65 22.69 2.83
CA HIS B 139 -0.34 22.90 2.25
C HIS B 139 -0.45 23.68 0.94
N GLN B 140 0.65 24.37 0.60
CA GLN B 140 0.68 25.12 -0.66
C GLN B 140 0.50 24.20 -1.85
N ASP B 141 1.12 23.03 -1.82
CA ASP B 141 1.01 22.05 -2.88
C ASP B 141 -0.19 21.13 -2.64
N LYS B 142 -0.85 20.74 -3.72
CA LYS B 142 -2.05 19.91 -3.60
C LYS B 142 -1.71 18.51 -3.11
N GLU B 143 -0.65 17.91 -3.67
CA GLU B 143 -0.33 16.52 -3.37
C GLU B 143 -0.09 16.27 -1.88
N HIS B 144 0.26 17.31 -1.13
CA HIS B 144 0.41 17.20 0.32
C HIS B 144 -0.98 17.21 0.95
N ILE B 145 -1.63 16.04 0.87
CA ILE B 145 -2.99 15.92 1.43
C ILE B 145 -3.03 16.22 2.92
N PRO B 146 -2.14 15.70 3.75
CA PRO B 146 -2.12 16.13 5.15
C PRO B 146 -1.78 17.60 5.25
N PRO B 147 -2.32 18.30 6.23
CA PRO B 147 -2.11 19.75 6.32
C PRO B 147 -0.65 20.09 6.64
N ALA B 148 -0.36 21.39 6.61
CA ALA B 148 1.00 21.85 6.84
C ALA B 148 1.47 21.49 8.24
N PHE B 149 0.62 21.68 9.24
CA PHE B 149 0.95 21.30 10.61
C PHE B 149 -0.32 21.25 11.43
N TYR B 150 -0.51 20.16 12.18
CA TYR B 150 -1.63 20.07 13.09
C TYR B 150 -1.48 21.10 14.21
N LEU B 151 -2.54 21.25 15.00
CA LEU B 151 -2.55 22.26 16.04
C LEU B 151 -2.66 21.63 17.42
N PRO B 152 -1.56 21.47 18.15
CA PRO B 152 -1.64 20.92 19.50
C PRO B 152 -1.83 21.98 20.58
N ILE B 153 -1.95 21.54 21.83
CA ILE B 153 -2.18 22.45 22.95
C ILE B 153 -0.86 22.79 23.61
N ILE B 154 0.02 21.80 23.73
CA ILE B 154 1.37 22.02 24.23
C ILE B 154 2.36 21.62 23.13
N PRO B 155 3.52 22.26 23.04
CA PRO B 155 4.41 21.99 21.89
C PRO B 155 5.04 20.62 21.98
N THR B 156 4.75 19.78 20.99
CA THR B 156 5.27 18.42 20.96
C THR B 156 6.75 18.37 20.58
N VAL B 157 7.31 19.46 20.05
CA VAL B 157 8.75 19.52 19.80
C VAL B 157 9.52 19.25 21.08
N LEU B 158 9.12 19.90 22.17
CA LEU B 158 9.81 19.75 23.44
C LEU B 158 9.75 18.29 23.92
N LEU B 159 8.57 17.69 23.89
CA LEU B 159 8.38 16.35 24.39
C LEU B 159 8.88 15.32 23.39
N ASN B 160 9.16 14.12 23.90
CA ASN B 160 9.56 12.95 23.12
C ASN B 160 10.95 13.11 22.51
N GLY B 161 11.54 14.30 22.64
CA GLY B 161 12.84 14.57 22.05
C GLY B 161 12.85 14.48 20.54
N VAL B 162 13.91 14.98 19.91
CA VAL B 162 14.10 14.76 18.47
C VAL B 162 15.56 15.02 18.15
N SER B 163 16.10 14.23 17.21
CA SER B 163 17.50 14.33 16.82
C SER B 163 17.57 14.21 15.30
N GLY B 164 17.77 15.33 14.63
CA GLY B 164 17.88 15.34 13.18
C GLY B 164 19.14 16.07 12.74
N ILE B 165 19.65 15.66 11.58
CA ILE B 165 20.85 16.26 11.01
C ILE B 165 20.58 16.61 9.55
N ALA B 166 20.36 17.89 9.28
CA ALA B 166 20.13 18.37 7.92
C ALA B 166 21.43 18.92 7.35
N THR B 167 21.33 19.57 6.18
CA THR B 167 22.50 20.14 5.52
C THR B 167 22.88 21.45 6.22
N GLY B 168 23.96 21.41 6.98
CA GLY B 168 24.45 22.60 7.66
C GLY B 168 23.82 22.90 9.00
N TYR B 169 22.83 22.11 9.42
CA TYR B 169 22.16 22.33 10.70
C TYR B 169 21.89 21.00 11.38
N ALA B 170 21.83 21.03 12.69
CA ALA B 170 21.55 19.84 13.49
C ALA B 170 20.65 20.22 14.66
N THR B 171 19.58 19.46 14.86
CA THR B 171 18.65 19.67 15.96
C THR B 171 18.76 18.48 16.91
N TYR B 172 18.89 18.78 18.21
CA TYR B 172 18.93 17.73 19.22
C TYR B 172 18.05 18.10 20.39
N ILE B 173 16.78 18.39 20.08
CA ILE B 173 15.84 18.86 21.09
C ILE B 173 15.69 17.80 22.17
N LEU B 174 16.12 18.13 23.38
CA LEU B 174 16.01 17.20 24.50
C LEU B 174 14.56 17.08 24.96
N PRO B 175 14.13 15.89 25.37
CA PRO B 175 12.76 15.73 25.88
C PRO B 175 12.58 16.47 27.20
N HIS B 176 11.34 16.91 27.42
CA HIS B 176 10.96 17.58 28.65
C HIS B 176 9.75 16.88 29.26
N SER B 177 9.58 17.04 30.57
CA SER B 177 8.47 16.39 31.25
C SER B 177 7.15 17.05 30.86
N VAL B 178 6.09 16.24 30.85
CA VAL B 178 4.77 16.75 30.48
C VAL B 178 4.30 17.81 31.46
N SER B 179 4.51 17.57 32.76
CA SER B 179 4.05 18.52 33.77
C SER B 179 4.75 19.86 33.63
N SER B 180 6.06 19.85 33.39
CA SER B 180 6.81 21.09 33.27
C SER B 180 6.32 21.91 32.07
N VAL B 181 6.12 21.26 30.93
CA VAL B 181 5.66 21.96 29.74
C VAL B 181 4.24 22.50 29.95
N LYS B 182 3.37 21.68 30.56
CA LYS B 182 2.01 22.15 30.82
C LYS B 182 2.01 23.36 31.73
N LYS B 183 2.80 23.33 32.80
CA LYS B 183 2.86 24.47 33.71
C LYS B 183 3.44 25.69 33.02
N ALA B 184 4.47 25.50 32.21
CA ALA B 184 5.08 26.63 31.51
C ALA B 184 4.09 27.29 30.57
N VAL B 185 3.35 26.48 29.80
CA VAL B 185 2.36 27.03 28.87
C VAL B 185 1.24 27.73 29.63
N LEU B 186 0.76 27.10 30.71
CA LEU B 186 -0.33 27.68 31.48
C LEU B 186 0.06 29.03 32.07
N GLN B 187 1.27 29.11 32.64
CA GLN B 187 1.71 30.35 33.26
C GLN B 187 2.10 31.41 32.22
N ALA B 188 2.59 30.99 31.06
CA ALA B 188 2.87 31.94 29.98
C ALA B 188 1.62 32.42 29.28
N LEU B 189 0.48 31.74 29.46
CA LEU B 189 -0.78 32.27 28.96
C LEU B 189 -1.10 33.62 29.61
N GLN B 190 -0.89 33.73 30.91
CA GLN B 190 -1.23 34.93 31.67
C GLN B 190 -0.06 35.91 31.74
N GLY B 191 1.03 35.65 31.04
CA GLY B 191 2.14 36.57 30.98
C GLY B 191 2.89 36.77 32.29
N LYS B 192 3.12 35.70 33.04
CA LYS B 192 3.93 35.77 34.24
C LYS B 192 5.39 35.49 33.88
N LYS B 193 6.24 35.32 34.89
CA LYS B 193 7.64 34.98 34.64
C LYS B 193 7.74 33.51 34.27
N VAL B 194 8.28 33.23 33.09
CA VAL B 194 8.28 31.87 32.57
C VAL B 194 9.29 31.03 33.34
N THR B 195 8.84 29.88 33.83
CA THR B 195 9.70 28.93 34.51
C THR B 195 10.23 27.92 33.50
N LYS B 196 11.55 27.77 33.46
CA LYS B 196 12.15 26.87 32.48
C LYS B 196 11.72 25.43 32.76
N PRO B 197 11.17 24.73 31.78
CA PRO B 197 10.75 23.34 32.00
C PRO B 197 11.94 22.44 32.27
N LYS B 198 11.69 21.40 33.06
CA LYS B 198 12.74 20.46 33.45
C LYS B 198 12.98 19.45 32.33
N VAL B 199 13.92 18.53 32.55
CA VAL B 199 14.25 17.48 31.59
C VAL B 199 13.97 16.14 32.27
N GLU B 200 13.21 15.28 31.59
CA GLU B 200 12.82 13.99 32.14
C GLU B 200 12.87 12.96 31.01
N PHE B 201 13.96 12.20 30.97
CA PHE B 201 14.09 11.16 29.97
C PHE B 201 13.08 10.04 30.23
N PRO B 202 12.63 9.34 29.20
CA PRO B 202 11.67 8.25 29.41
C PRO B 202 12.34 7.03 30.00
N GLU B 203 11.65 6.40 30.96
CA GLU B 203 12.15 5.21 31.65
C GLU B 203 13.53 5.47 32.27
N PHE B 204 13.69 6.65 32.85
CA PHE B 204 14.94 7.07 33.46
C PHE B 204 14.71 7.39 34.93
N ARG B 205 15.46 6.74 35.81
CA ARG B 205 15.43 7.01 37.23
C ARG B 205 16.76 7.51 37.76
N GLY B 206 17.69 7.88 36.88
CA GLY B 206 19.01 8.35 37.28
C GLY B 206 19.02 9.82 37.64
N GLU B 207 19.99 10.56 37.10
CA GLU B 207 20.12 11.98 37.42
C GLU B 207 20.35 12.78 36.15
N VAL B 208 19.72 13.94 36.06
CA VAL B 208 19.97 14.91 35.00
C VAL B 208 20.14 16.28 35.64
N VAL B 209 21.28 16.92 35.37
CA VAL B 209 21.63 18.19 36.03
C VAL B 209 22.39 19.06 35.03
N GLU B 210 22.36 20.36 35.28
CA GLU B 210 22.89 21.39 34.39
C GLU B 210 23.94 22.22 35.10
N ILE B 211 24.90 21.53 35.74
CA ILE B 211 25.94 22.20 36.51
C ILE B 211 26.68 23.22 35.65
N ASP B 212 27.07 22.81 34.45
CA ASP B 212 27.70 23.72 33.49
C ASP B 212 26.68 24.37 32.56
N GLY B 213 25.39 24.06 32.72
CA GLY B 213 24.39 24.51 31.79
C GLY B 213 24.30 23.70 30.51
N GLN B 214 25.02 22.57 30.44
CA GLN B 214 25.03 21.72 29.26
C GLN B 214 24.00 20.61 29.32
N TYR B 215 23.21 20.53 30.39
CA TYR B 215 22.20 19.50 30.57
C TYR B 215 22.80 18.09 30.46
N GLU B 216 23.72 17.80 31.38
CA GLU B 216 24.35 16.49 31.36
C GLU B 216 23.51 15.49 32.14
N ILE B 217 23.68 14.22 31.81
CA ILE B 217 22.92 13.11 32.38
C ILE B 217 23.90 12.09 32.94
N ARG B 218 23.67 11.67 34.18
CA ARG B 218 24.54 10.71 34.84
C ARG B 218 23.70 9.62 35.50
N GLY B 219 24.27 8.43 35.57
CA GLY B 219 23.62 7.28 36.15
C GLY B 219 23.92 7.13 37.62
N THR B 220 23.61 5.95 38.15
CA THR B 220 23.76 5.66 39.57
C THR B 220 24.56 4.39 39.76
N TYR B 221 25.61 4.47 40.57
CA TYR B 221 26.38 3.32 41.01
C TYR B 221 26.19 3.10 42.50
N LYS B 222 26.07 1.84 42.91
CA LYS B 222 25.79 1.50 44.30
C LYS B 222 26.72 0.36 44.72
N PHE B 223 27.70 0.69 45.55
CA PHE B 223 28.61 -0.32 46.06
C PHE B 223 27.88 -1.28 46.98
N THR B 224 28.13 -2.58 46.81
CA THR B 224 27.55 -3.61 47.67
C THR B 224 28.59 -4.40 48.45
N SER B 225 29.83 -4.47 47.98
CA SER B 225 30.91 -5.11 48.72
C SER B 225 32.18 -4.32 48.48
N ARG B 226 33.28 -4.78 49.11
CA ARG B 226 34.57 -4.13 48.91
C ARG B 226 35.05 -4.23 47.48
N THR B 227 34.57 -5.21 46.71
CA THR B 227 34.99 -5.36 45.32
C THR B 227 33.78 -5.65 44.41
N GLN B 228 32.61 -5.13 44.75
CA GLN B 228 31.43 -5.32 43.92
C GLN B 228 30.53 -4.09 44.04
N MET B 229 29.74 -3.84 43.00
CA MET B 229 28.73 -2.81 43.04
C MET B 229 27.58 -3.22 42.13
N HIS B 230 26.47 -2.49 42.25
CA HIS B 230 25.26 -2.77 41.48
C HIS B 230 24.91 -1.52 40.67
N ILE B 231 25.43 -1.46 39.43
CA ILE B 231 25.04 -0.40 38.50
C ILE B 231 23.54 -0.47 38.25
N THR B 232 22.83 0.54 38.72
CA THR B 232 21.38 0.59 38.55
C THR B 232 20.99 1.21 37.21
N GLU B 233 21.77 2.18 36.74
CA GLU B 233 21.45 2.87 35.49
C GLU B 233 22.73 3.35 34.82
N ILE B 234 22.61 3.62 33.53
CA ILE B 234 23.69 4.21 32.73
C ILE B 234 23.07 5.31 31.88
N PRO B 235 23.90 6.21 31.31
CA PRO B 235 23.36 7.26 30.43
C PRO B 235 22.41 6.74 29.37
N TYR B 236 21.54 7.62 28.89
CA TYR B 236 20.38 7.19 28.08
C TYR B 236 20.82 6.54 26.77
N LYS B 237 21.80 7.14 26.08
CA LYS B 237 22.17 6.69 24.74
C LYS B 237 23.03 5.42 24.85
N TYR B 238 22.41 4.36 25.35
CA TYR B 238 23.10 3.09 25.55
C TYR B 238 22.09 1.95 25.55
N ASP B 239 22.32 0.96 24.69
CA ASP B 239 21.64 -0.32 24.79
C ASP B 239 22.62 -1.37 25.28
N ARG B 240 22.15 -2.60 25.46
CA ARG B 240 22.99 -3.64 26.04
C ARG B 240 24.20 -3.94 25.14
N GLU B 241 23.94 -4.21 23.86
CA GLU B 241 25.01 -4.66 22.97
C GLU B 241 26.09 -3.59 22.79
N THR B 242 25.68 -2.37 22.43
CA THR B 242 26.66 -1.33 22.15
C THR B 242 27.42 -0.95 23.41
N TYR B 243 26.73 -0.82 24.54
CA TYR B 243 27.42 -0.52 25.80
C TYR B 243 28.47 -1.59 26.09
N VAL B 244 28.06 -2.86 26.10
CA VAL B 244 28.99 -3.95 26.38
C VAL B 244 30.20 -3.84 25.46
N SER B 245 29.95 -3.97 24.15
CA SER B 245 31.04 -4.07 23.19
C SER B 245 31.95 -2.85 23.21
N LYS B 246 31.37 -1.65 23.28
CA LYS B 246 32.16 -0.44 23.15
C LYS B 246 33.01 -0.15 24.38
N ILE B 247 32.47 -0.29 25.59
CA ILE B 247 33.20 0.12 26.78
C ILE B 247 33.47 -1.05 27.74
N LEU B 248 32.46 -1.87 28.02
CA LEU B 248 32.62 -2.78 29.15
C LEU B 248 33.44 -4.00 28.77
N ASP B 249 33.26 -4.53 27.56
CA ASP B 249 34.09 -5.64 27.11
C ASP B 249 35.57 -5.30 27.03
N PRO B 250 35.98 -4.15 26.46
CA PRO B 250 37.41 -3.80 26.53
C PRO B 250 37.93 -3.65 27.94
N LEU B 251 37.09 -3.16 28.86
CA LEU B 251 37.51 -3.05 30.25
C LEU B 251 37.83 -4.41 30.85
N GLU B 252 37.00 -5.42 30.56
CA GLU B 252 37.30 -6.78 31.00
C GLU B 252 38.53 -7.31 30.29
N ASN B 253 38.68 -7.01 29.00
CA ASN B 253 39.84 -7.46 28.24
C ASN B 253 41.14 -6.88 28.79
N LYS B 254 41.07 -5.72 29.46
CA LYS B 254 42.23 -5.17 30.14
C LYS B 254 42.58 -5.92 31.41
N GLY B 255 41.85 -6.98 31.74
CA GLY B 255 42.13 -7.74 32.95
C GLY B 255 41.88 -6.96 34.22
N PHE B 256 40.78 -6.21 34.29
CA PHE B 256 40.47 -5.38 35.43
C PHE B 256 39.23 -5.85 36.19
N ILE B 257 38.12 -6.07 35.50
CA ILE B 257 36.84 -6.39 36.12
C ILE B 257 36.18 -7.55 35.39
N THR B 258 35.16 -8.12 36.03
CA THR B 258 34.30 -9.12 35.41
C THR B 258 32.85 -8.76 35.73
N TRP B 259 31.98 -8.80 34.72
CA TRP B 259 30.62 -8.32 34.86
C TRP B 259 29.66 -9.49 34.89
N ASP B 260 28.66 -9.42 35.76
CA ASP B 260 27.58 -10.39 35.82
C ASP B 260 26.32 -9.73 35.29
N ASP B 261 25.82 -10.23 34.16
CA ASP B 261 24.64 -9.64 33.52
C ASP B 261 23.43 -9.86 34.42
N ALA B 262 22.89 -8.77 34.96
CA ALA B 262 21.70 -8.80 35.81
C ALA B 262 20.71 -7.75 35.34
N CYS B 263 20.52 -7.66 34.03
CA CYS B 263 19.61 -6.68 33.45
C CYS B 263 18.16 -7.04 33.75
N GLY B 264 17.61 -6.47 34.81
CA GLY B 264 16.26 -6.78 35.22
C GLY B 264 15.21 -6.08 34.38
N GLU B 265 13.96 -6.30 34.77
CA GLU B 265 12.84 -5.70 34.05
C GLU B 265 12.80 -4.19 34.17
N HIS B 266 13.55 -3.62 35.11
CA HIS B 266 13.57 -2.17 35.35
C HIS B 266 14.98 -1.66 35.05
N GLY B 267 15.22 -1.32 33.78
CA GLY B 267 16.50 -0.77 33.39
C GLY B 267 17.62 -1.79 33.39
N PHE B 268 18.84 -1.26 33.33
CA PHE B 268 20.04 -2.09 33.30
C PHE B 268 20.44 -2.49 34.73
N GLY B 269 21.14 -3.62 34.82
CA GLY B 269 21.55 -4.15 36.10
C GLY B 269 22.99 -4.65 36.10
N PHE B 270 23.85 -3.99 35.34
CA PHE B 270 25.20 -4.49 35.07
C PHE B 270 26.05 -4.40 36.34
N LYS B 271 25.92 -5.43 37.18
CA LYS B 271 26.80 -5.54 38.34
C LYS B 271 28.19 -6.00 37.92
N VAL B 272 29.20 -5.49 38.60
CA VAL B 272 30.60 -5.71 38.22
C VAL B 272 31.41 -6.02 39.47
N LYS B 273 32.32 -6.98 39.36
CA LYS B 273 33.25 -7.33 40.42
C LYS B 273 34.66 -7.08 39.93
N PHE B 274 35.43 -6.31 40.70
CA PHE B 274 36.80 -6.00 40.31
C PHE B 274 37.71 -7.21 40.57
N ARG B 275 38.99 -7.02 40.28
CA ARG B 275 40.02 -7.99 40.62
C ARG B 275 41.21 -7.28 41.23
N LYS B 276 42.31 -8.00 41.45
CA LYS B 276 43.48 -7.42 42.09
C LYS B 276 44.07 -6.29 41.25
N GLU B 277 44.13 -6.47 39.93
CA GLU B 277 44.79 -5.52 39.05
C GLU B 277 43.91 -4.31 38.78
N TYR B 278 43.64 -3.56 39.85
CA TYR B 278 42.89 -2.31 39.74
C TYR B 278 43.18 -1.45 40.96
N SER B 279 42.88 -0.16 40.84
CA SER B 279 43.15 0.81 41.88
C SER B 279 42.37 0.51 43.16
N LEU B 280 41.04 0.61 43.08
CA LEU B 280 40.18 0.52 44.26
C LEU B 280 40.67 1.44 45.37
N SER B 281 40.94 2.69 44.99
CA SER B 281 41.49 3.66 45.93
C SER B 281 40.46 4.02 46.99
N ASP B 282 40.94 4.62 48.07
CA ASP B 282 40.10 5.09 49.17
C ASP B 282 39.80 6.58 48.98
N ASN B 283 39.28 7.23 50.03
CA ASN B 283 39.00 8.65 50.18
C ASN B 283 37.70 9.09 49.50
N GLU B 284 37.01 8.22 48.78
CA GLU B 284 35.62 8.46 48.36
C GLU B 284 35.43 9.65 47.41
N GLU B 285 36.51 10.22 46.91
CA GLU B 285 36.40 11.23 45.86
C GLU B 285 37.23 10.92 44.63
N GLU B 286 38.40 10.30 44.81
CA GLU B 286 39.16 9.84 43.64
C GLU B 286 38.52 8.58 43.05
N ARG B 287 38.11 7.64 43.92
CA ARG B 287 37.34 6.50 43.43
C ARG B 287 36.03 6.93 42.83
N HIS B 288 35.49 8.06 43.29
CA HIS B 288 34.26 8.62 42.73
C HIS B 288 34.45 9.00 41.26
N ALA B 289 35.49 9.79 40.98
CA ALA B 289 35.80 10.15 39.60
C ALA B 289 36.16 8.91 38.78
N LYS B 290 36.90 7.98 39.37
CA LYS B 290 37.28 6.78 38.62
C LYS B 290 36.06 5.93 38.27
N ILE B 291 35.12 5.77 39.22
CA ILE B 291 33.97 4.92 39.00
C ILE B 291 33.04 5.53 37.95
N MET B 292 32.91 6.86 37.92
CA MET B 292 32.12 7.43 36.84
C MET B 292 32.92 7.82 35.60
N LYS B 293 34.22 7.54 35.57
CA LYS B 293 34.99 7.73 34.34
C LYS B 293 35.20 6.43 33.58
N ASP B 294 35.62 5.37 34.27
CA ASP B 294 35.93 4.11 33.59
C ASP B 294 34.69 3.48 32.98
N PHE B 295 33.57 3.54 33.70
CA PHE B 295 32.32 2.88 33.28
C PHE B 295 31.38 3.82 32.53
N GLY B 296 31.83 5.01 32.17
CA GLY B 296 31.04 5.89 31.32
C GLY B 296 29.71 6.30 31.91
N LEU B 297 29.68 6.58 33.21
CA LEU B 297 28.46 7.00 33.87
C LEU B 297 28.18 8.48 33.69
N ILE B 298 29.10 9.23 33.09
CA ILE B 298 28.96 10.67 32.88
C ILE B 298 28.82 10.92 31.38
N GLU B 299 27.80 11.68 31.00
CA GLU B 299 27.56 12.02 29.61
C GLU B 299 27.38 13.53 29.46
N ARG B 300 28.21 14.13 28.62
CA ARG B 300 28.10 15.55 28.30
C ARG B 300 27.08 15.73 27.18
N ARG B 301 26.55 16.94 27.07
CA ARG B 301 25.42 17.15 26.16
C ARG B 301 25.33 18.64 25.83
N SER B 302 24.50 18.96 24.84
CA SER B 302 24.23 20.35 24.47
C SER B 302 22.85 20.42 23.83
N GLN B 303 22.29 21.63 23.83
CA GLN B 303 20.98 21.90 23.27
C GLN B 303 21.14 22.75 22.02
N ASN B 304 20.78 22.21 20.87
CA ASN B 304 20.81 22.93 19.60
C ASN B 304 19.36 23.09 19.14
N ILE B 305 18.74 24.19 19.55
CA ILE B 305 17.32 24.42 19.32
C ILE B 305 17.20 25.13 17.98
N THR B 306 17.04 24.36 16.90
CA THR B 306 16.75 24.90 15.58
C THR B 306 15.53 24.17 15.02
N VAL B 307 14.58 24.93 14.48
CA VAL B 307 13.30 24.35 14.08
C VAL B 307 12.61 25.29 13.11
N ILE B 308 11.76 24.73 12.25
CA ILE B 308 10.96 25.51 11.31
C ILE B 308 9.78 26.12 12.05
N ASN B 309 9.45 27.37 11.70
CA ASN B 309 8.37 28.11 12.32
C ASN B 309 7.06 27.84 11.57
N GLU B 310 6.04 28.67 11.81
CA GLU B 310 4.75 28.49 11.16
C GLU B 310 4.88 28.54 9.64
N LYS B 311 5.72 29.44 9.13
CA LYS B 311 5.99 29.53 7.71
C LYS B 311 7.16 28.61 7.36
N GLY B 312 7.66 28.73 6.12
CA GLY B 312 8.74 27.87 5.68
C GLY B 312 10.10 28.23 6.24
N LYS B 313 10.23 29.40 6.88
CA LYS B 313 11.51 29.83 7.40
C LYS B 313 11.90 29.01 8.62
N LEU B 314 13.21 28.84 8.80
CA LEU B 314 13.78 28.07 9.90
C LEU B 314 14.48 29.03 10.85
N GLN B 315 14.20 28.90 12.15
CA GLN B 315 14.81 29.77 13.14
C GLN B 315 15.48 28.96 14.24
N VAL B 316 16.48 29.56 14.86
CA VAL B 316 17.22 28.98 15.98
C VAL B 316 16.92 29.78 17.23
N TYR B 317 16.50 29.09 18.28
CA TYR B 317 16.13 29.69 19.56
C TYR B 317 17.18 29.37 20.60
N ASP B 318 17.62 30.39 21.33
CA ASP B 318 18.66 30.17 22.34
C ASP B 318 18.14 29.35 23.52
N ASN B 319 16.90 29.61 23.96
CA ASN B 319 16.31 28.88 25.06
C ASN B 319 14.87 28.50 24.72
N VAL B 320 14.37 27.47 25.42
CA VAL B 320 13.02 26.98 25.16
C VAL B 320 11.94 27.97 25.57
N VAL B 321 12.28 29.00 26.36
CA VAL B 321 11.28 29.97 26.79
C VAL B 321 10.71 30.71 25.59
N ASP B 322 11.58 31.13 24.66
CA ASP B 322 11.11 31.82 23.46
C ASP B 322 10.23 30.91 22.61
N LEU B 323 10.60 29.63 22.51
CA LEU B 323 9.78 28.67 21.77
C LEU B 323 8.39 28.55 22.40
N ILE B 324 8.33 28.46 23.72
CA ILE B 324 7.05 28.35 24.42
C ILE B 324 6.21 29.60 24.14
N LYS B 325 6.84 30.78 24.24
CA LYS B 325 6.11 32.03 24.07
C LYS B 325 5.55 32.15 22.65
N ASP B 326 6.38 31.86 21.65
CA ASP B 326 5.92 31.97 20.27
C ASP B 326 4.83 30.94 19.96
N PHE B 327 5.00 29.71 20.45
CA PHE B 327 3.99 28.69 20.20
C PHE B 327 2.64 29.08 20.80
N VAL B 328 2.66 29.59 22.04
CA VAL B 328 1.40 29.99 22.66
C VAL B 328 0.82 31.21 21.95
N GLU B 329 1.67 32.11 21.43
CA GLU B 329 1.15 33.24 20.66
C GLU B 329 0.42 32.78 19.41
N VAL B 330 0.98 31.79 18.72
CA VAL B 330 0.31 31.27 17.52
C VAL B 330 -0.99 30.56 17.89
N ARG B 331 -0.93 29.72 18.93
CA ARG B 331 -2.12 28.96 19.32
C ARG B 331 -3.24 29.86 19.83
N LYS B 332 -2.91 31.04 20.35
CA LYS B 332 -3.95 31.98 20.75
C LYS B 332 -4.82 32.38 19.57
N THR B 333 -4.19 32.77 18.45
CA THR B 333 -4.96 33.11 17.26
C THR B 333 -5.69 31.90 16.71
N TYR B 334 -5.04 30.74 16.71
CA TYR B 334 -5.72 29.56 16.18
C TYR B 334 -6.88 29.11 17.06
N VAL B 335 -6.92 29.54 18.33
CA VAL B 335 -8.08 29.29 19.18
C VAL B 335 -9.15 30.35 18.94
N GLN B 336 -8.74 31.59 18.71
CA GLN B 336 -9.70 32.64 18.38
C GLN B 336 -10.49 32.30 17.11
N LYS B 337 -9.81 31.68 16.13
CA LYS B 337 -10.50 31.24 14.93
C LYS B 337 -11.62 30.26 15.27
N ARG B 338 -11.32 29.27 16.13
CA ARG B 338 -12.33 28.31 16.53
C ARG B 338 -13.47 28.98 17.29
N ILE B 339 -13.14 29.98 18.11
CA ILE B 339 -14.18 30.70 18.84
C ILE B 339 -15.16 31.36 17.87
N ASP B 340 -14.62 32.07 16.88
CA ASP B 340 -15.47 32.75 15.91
C ASP B 340 -16.33 31.76 15.13
N ASN B 341 -15.72 30.67 14.67
CA ASN B 341 -16.47 29.70 13.89
C ASN B 341 -17.54 29.00 14.74
N LYS B 342 -17.23 28.71 16.00
CA LYS B 342 -18.23 28.11 16.88
C LYS B 342 -19.41 29.05 17.09
N ILE B 343 -19.15 30.34 17.28
CA ILE B 343 -20.24 31.30 17.41
C ILE B 343 -21.10 31.29 16.16
N LYS B 344 -20.46 31.33 14.99
CA LYS B 344 -21.19 31.36 13.73
C LYS B 344 -22.07 30.13 13.55
N GLU B 345 -21.54 28.95 13.87
CA GLU B 345 -22.31 27.73 13.70
C GLU B 345 -23.44 27.63 14.73
N THR B 346 -23.17 28.02 15.98
CA THR B 346 -24.16 27.88 17.03
C THR B 346 -25.34 28.82 16.82
N GLU B 347 -25.09 30.02 16.28
CA GLU B 347 -26.22 30.91 15.98
C GLU B 347 -27.19 30.26 15.00
N SER B 348 -26.66 29.67 13.92
CA SER B 348 -27.51 29.02 12.94
C SER B 348 -28.21 27.81 13.54
N ALA B 349 -27.51 27.03 14.36
CA ALA B 349 -28.13 25.88 14.99
C ALA B 349 -29.29 26.29 15.89
N PHE B 350 -29.10 27.35 16.67
CA PHE B 350 -30.17 27.84 17.53
C PHE B 350 -31.35 28.34 16.71
N ARG B 351 -31.08 29.05 15.62
CA ARG B 351 -32.18 29.53 14.77
C ARG B 351 -32.97 28.37 14.19
N LEU B 352 -32.27 27.33 13.72
CA LEU B 352 -32.95 26.16 13.18
C LEU B 352 -33.79 25.47 14.25
N ALA B 353 -33.26 25.34 15.46
CA ALA B 353 -34.02 24.71 16.55
C ALA B 353 -35.25 25.53 16.90
N PHE B 354 -35.11 26.86 16.92
CA PHE B 354 -36.26 27.72 17.21
C PHE B 354 -37.34 27.57 16.15
N ALA B 355 -36.94 27.53 14.87
CA ALA B 355 -37.91 27.33 13.81
C ALA B 355 -38.60 25.97 13.93
N LYS B 356 -37.83 24.94 14.27
CA LYS B 356 -38.40 23.61 14.46
C LYS B 356 -39.44 23.60 15.57
N ALA B 357 -39.11 24.23 16.70
CA ALA B 357 -40.05 24.29 17.82
C ALA B 357 -41.30 25.07 17.43
N HIS B 358 -41.13 26.17 16.69
CA HIS B 358 -42.27 26.96 16.24
C HIS B 358 -43.20 26.12 15.36
N PHE B 359 -42.61 25.39 14.41
CA PHE B 359 -43.42 24.54 13.54
C PHE B 359 -44.16 23.48 14.35
N ILE B 360 -43.47 22.86 15.31
CA ILE B 360 -44.11 21.77 16.04
C ILE B 360 -45.26 22.31 16.91
N LYS B 361 -45.08 23.48 17.54
CA LYS B 361 -46.16 23.96 18.39
C LYS B 361 -47.31 24.50 17.57
N LYS B 362 -47.02 25.08 16.39
CA LYS B 362 -48.11 25.51 15.52
C LYS B 362 -48.90 24.31 15.00
N VAL B 363 -48.21 23.21 14.67
CA VAL B 363 -48.91 22.03 14.16
C VAL B 363 -49.76 21.40 15.26
N ILE B 364 -49.20 21.23 16.46
CA ILE B 364 -50.01 20.65 17.53
C ILE B 364 -51.14 21.60 17.94
N SER B 365 -50.95 22.90 17.75
CA SER B 365 -52.03 23.85 18.00
C SER B 365 -53.08 23.83 16.90
N GLY B 366 -52.74 23.33 15.71
CA GLY B 366 -53.69 23.23 14.62
C GLY B 366 -53.87 24.48 13.79
N GLU B 367 -53.05 25.50 14.00
CA GLU B 367 -53.18 26.72 13.20
C GLU B 367 -52.86 26.46 11.73
N ILE B 368 -51.86 25.64 11.45
CA ILE B 368 -51.49 25.25 10.09
C ILE B 368 -51.68 23.75 9.96
N VAL B 369 -52.43 23.33 8.95
CA VAL B 369 -52.79 21.94 8.78
C VAL B 369 -51.72 21.23 7.98
N VAL B 370 -51.24 20.11 8.52
CA VAL B 370 -50.26 19.29 7.81
C VAL B 370 -50.91 18.57 6.63
N GLN B 371 -52.17 18.18 6.77
CA GLN B 371 -52.88 17.46 5.74
C GLN B 371 -53.81 18.39 4.96
N GLY B 372 -54.26 17.93 3.81
CA GLY B 372 -55.15 18.69 2.96
C GLY B 372 -54.48 19.74 2.11
N LYS B 373 -53.16 19.84 2.13
CA LYS B 373 -52.43 20.82 1.34
C LYS B 373 -52.04 20.20 0.02
N THR B 374 -52.65 20.66 -1.06
CA THR B 374 -52.41 20.09 -2.38
C THR B 374 -51.01 20.45 -2.87
N ARG B 375 -50.35 19.48 -3.53
CA ARG B 375 -49.04 19.68 -4.15
C ARG B 375 -48.03 20.19 -3.13
N LYS B 376 -48.05 19.58 -1.95
CA LYS B 376 -47.29 20.03 -0.77
C LYS B 376 -47.29 21.55 -0.68
N GLU B 377 -48.51 22.10 -0.61
CA GLU B 377 -48.71 23.55 -0.48
C GLU B 377 -48.04 24.08 0.78
N LEU B 378 -47.79 23.20 1.75
CA LEU B 378 -47.05 23.57 2.96
C LEU B 378 -45.81 24.38 2.62
N THR B 379 -44.90 23.81 1.83
CA THR B 379 -43.65 24.49 1.51
C THR B 379 -43.91 25.85 0.86
N GLU B 380 -44.91 25.91 -0.02
CA GLU B 380 -45.23 27.17 -0.70
C GLU B 380 -45.63 28.25 0.30
N GLU B 381 -46.47 27.91 1.27
CA GLU B 381 -46.86 28.93 2.24
C GLU B 381 -45.77 29.20 3.27
N LEU B 382 -44.91 28.23 3.56
CA LEU B 382 -43.81 28.47 4.49
C LEU B 382 -42.74 29.36 3.87
N SER B 383 -42.62 29.34 2.53
CA SER B 383 -41.67 30.21 1.87
C SER B 383 -42.01 31.69 2.02
N LYS B 384 -43.22 32.02 2.46
CA LYS B 384 -43.63 33.40 2.64
C LYS B 384 -43.91 33.71 4.11
N ILE B 385 -43.19 33.07 5.03
CA ILE B 385 -43.28 33.34 6.45
C ILE B 385 -41.95 33.94 6.89
N ASP B 386 -41.98 34.68 8.01
CA ASP B 386 -40.83 35.48 8.42
C ASP B 386 -39.59 34.61 8.65
N MET B 387 -39.72 33.56 9.46
CA MET B 387 -38.59 32.71 9.79
C MET B 387 -38.64 31.34 9.13
N TYR B 388 -39.80 30.95 8.60
CA TYR B 388 -39.97 29.60 8.05
C TYR B 388 -39.11 29.40 6.81
N SER B 389 -39.11 30.40 5.92
CA SER B 389 -38.61 30.23 4.56
C SER B 389 -37.15 29.79 4.52
N SER B 390 -36.41 30.04 5.59
CA SER B 390 -34.99 29.72 5.57
C SER B 390 -34.74 28.22 5.68
N TYR B 391 -35.62 27.48 6.35
CA TYR B 391 -35.36 26.07 6.62
C TYR B 391 -36.54 25.18 6.22
N VAL B 392 -37.26 25.56 5.16
CA VAL B 392 -38.50 24.88 4.81
C VAL B 392 -38.27 23.38 4.65
N ASP B 393 -37.25 23.00 3.87
CA ASP B 393 -36.96 21.58 3.71
C ASP B 393 -36.70 20.92 5.05
N LYS B 394 -35.81 21.51 5.86
CA LYS B 394 -35.55 20.96 7.18
C LYS B 394 -36.80 21.04 8.06
N LEU B 395 -37.65 22.03 7.80
CA LEU B 395 -38.89 22.17 8.56
C LEU B 395 -39.94 21.18 8.09
N VAL B 396 -39.73 20.52 6.95
CA VAL B 396 -40.69 19.53 6.49
C VAL B 396 -40.21 18.12 6.86
N GLY B 397 -38.91 17.90 6.94
CA GLY B 397 -38.40 16.60 7.34
C GLY B 397 -38.61 16.31 8.81
N MET B 398 -39.86 16.33 9.26
CA MET B 398 -40.20 16.09 10.66
C MET B 398 -40.87 14.73 10.79
N ASN B 399 -40.34 13.91 11.69
CA ASN B 399 -40.86 12.56 11.88
C ASN B 399 -42.18 12.60 12.65
N ILE B 400 -42.92 11.49 12.57
CA ILE B 400 -44.22 11.39 13.24
C ILE B 400 -44.03 11.50 14.75
N PHE B 401 -43.06 10.77 15.29
CA PHE B 401 -42.83 10.80 16.72
C PHE B 401 -42.29 12.14 17.19
N HIS B 402 -41.96 13.05 16.28
CA HIS B 402 -41.58 14.40 16.67
C HIS B 402 -42.77 15.30 16.95
N MET B 403 -44.00 14.84 16.68
CA MET B 403 -45.18 15.64 17.00
C MET B 403 -45.66 15.47 18.43
N THR B 404 -45.46 14.30 19.04
CA THR B 404 -46.00 14.07 20.36
C THR B 404 -45.28 14.95 21.38
N SER B 405 -45.88 15.05 22.57
CA SER B 405 -45.36 15.94 23.61
C SER B 405 -43.95 15.55 24.04
N ASP B 406 -43.59 14.27 23.89
CA ASP B 406 -42.27 13.83 24.32
C ASP B 406 -41.16 14.52 23.53
N GLU B 407 -41.29 14.58 22.21
CA GLU B 407 -40.29 15.18 21.36
C GLU B 407 -40.60 16.63 21.00
N ALA B 408 -41.57 17.25 21.69
CA ALA B 408 -41.89 18.66 21.48
C ALA B 408 -41.42 19.54 22.63
N LYS B 409 -41.79 19.18 23.87
CA LYS B 409 -41.29 19.93 25.01
C LYS B 409 -39.78 19.83 25.12
N LYS B 410 -39.24 18.62 24.93
CA LYS B 410 -37.79 18.45 24.95
C LYS B 410 -37.12 19.17 23.79
N LEU B 411 -37.79 19.25 22.64
CA LEU B 411 -37.24 20.01 21.51
C LEU B 411 -37.16 21.49 21.83
N ALA B 412 -38.22 22.04 22.44
CA ALA B 412 -38.20 23.44 22.83
C ALA B 412 -37.12 23.71 23.87
N GLU B 413 -36.99 22.81 24.86
CA GLU B 413 -35.96 23.00 25.87
C GLU B 413 -34.56 22.88 25.25
N GLU B 414 -34.39 22.00 24.26
CA GLU B 414 -33.12 21.91 23.56
C GLU B 414 -32.82 23.17 22.79
N ALA B 415 -33.85 23.78 22.18
CA ALA B 415 -33.65 25.06 21.50
C ALA B 415 -33.21 26.14 22.48
N LYS B 416 -33.83 26.18 23.66
CA LYS B 416 -33.41 27.14 24.68
C LYS B 416 -31.97 26.88 25.12
N ALA B 417 -31.60 25.60 25.24
CA ALA B 417 -30.23 25.25 25.60
C ALA B 417 -29.25 25.71 24.53
N LYS B 418 -29.63 25.56 23.26
CA LYS B 418 -28.77 26.05 22.18
C LYS B 418 -28.63 27.57 22.24
N LYS B 419 -29.72 28.26 22.58
CA LYS B 419 -29.65 29.72 22.74
C LYS B 419 -28.65 30.10 23.83
N GLU B 420 -28.77 29.49 25.01
CA GLU B 420 -27.87 29.87 26.10
C GLU B 420 -26.44 29.42 25.81
N GLU B 421 -26.25 28.33 25.08
CA GLU B 421 -24.92 27.91 24.69
C GLU B 421 -24.31 28.87 23.66
N ASN B 422 -25.13 29.40 22.76
CA ASN B 422 -24.65 30.45 21.86
C ASN B 422 -24.24 31.69 22.65
N GLU B 423 -25.01 32.04 23.67
CA GLU B 423 -24.62 33.15 24.54
C GLU B 423 -23.29 32.86 25.24
N TYR B 424 -23.11 31.64 25.72
CA TYR B 424 -21.86 31.26 26.37
C TYR B 424 -20.69 31.39 25.42
N TRP B 425 -20.84 30.90 24.19
CA TRP B 425 -19.77 31.06 23.20
C TRP B 425 -19.53 32.52 22.86
N LYS B 426 -20.58 33.33 22.84
CA LYS B 426 -20.44 34.75 22.55
C LYS B 426 -19.63 35.46 23.63
N THR B 427 -19.90 35.15 24.90
CA THR B 427 -19.29 35.88 25.99
C THR B 427 -17.91 35.37 26.38
N THR B 428 -17.52 34.16 25.97
CA THR B 428 -16.25 33.62 26.37
C THR B 428 -15.11 34.24 25.58
N ASP B 429 -13.90 34.13 26.12
CA ASP B 429 -12.70 34.69 25.51
C ASP B 429 -11.69 33.59 25.22
N VAL B 430 -10.62 33.98 24.54
CA VAL B 430 -9.60 33.02 24.12
C VAL B 430 -8.84 32.47 25.32
N VAL B 431 -8.51 33.34 26.28
CA VAL B 431 -7.68 32.93 27.41
C VAL B 431 -8.38 31.84 28.22
N THR B 432 -9.65 32.05 28.54
CA THR B 432 -10.39 31.07 29.34
C THR B 432 -10.53 29.75 28.60
N GLU B 433 -10.84 29.81 27.30
CA GLU B 433 -10.98 28.57 26.52
C GLU B 433 -9.67 27.80 26.47
N TYR B 434 -8.55 28.50 26.25
CA TYR B 434 -7.27 27.82 26.19
C TYR B 434 -6.86 27.28 27.56
N THR B 435 -7.20 27.98 28.64
CA THR B 435 -6.94 27.45 29.97
C THR B 435 -7.73 26.18 30.23
N LYS B 436 -9.00 26.17 29.81
CA LYS B 436 -9.81 24.96 29.96
C LYS B 436 -9.21 23.81 29.14
N ASP B 437 -8.78 24.10 27.91
CA ASP B 437 -8.16 23.08 27.08
C ASP B 437 -6.87 22.55 27.72
N LEU B 438 -6.08 23.46 28.30
CA LEU B 438 -4.84 23.05 28.98
C LEU B 438 -5.13 22.14 30.15
N GLU B 439 -6.16 22.46 30.95
CA GLU B 439 -6.51 21.60 32.07
C GLU B 439 -7.08 20.27 31.60
N GLU B 440 -7.74 20.24 30.44
CA GLU B 440 -8.37 19.02 29.96
C GLU B 440 -7.36 17.92 29.66
N ILE B 441 -6.10 18.27 29.41
CA ILE B 441 -5.12 17.29 28.96
C ILE B 441 -4.76 16.27 30.04
N LYS B 442 -5.19 16.48 31.27
CA LYS B 442 -4.94 15.50 32.34
C LYS B 442 -6.02 15.56 33.40
N LYS C 393 35.38 -16.40 23.07
CA LYS C 393 34.37 -15.83 23.95
C LYS C 393 33.28 -15.13 23.12
N VAL C 394 32.12 -15.79 23.01
CA VAL C 394 31.04 -15.26 22.18
C VAL C 394 30.48 -13.99 22.81
N HIS C 395 29.78 -13.21 21.99
CA HIS C 395 29.30 -11.88 22.35
C HIS C 395 27.79 -11.77 22.40
N LYS C 396 27.08 -12.40 21.46
CA LYS C 396 25.62 -12.29 21.41
C LYS C 396 24.93 -13.03 22.55
N HIS C 397 25.67 -13.79 23.35
CA HIS C 397 25.08 -14.67 24.34
C HIS C 397 24.36 -13.88 25.44
N ILE C 398 23.47 -14.57 26.13
CA ILE C 398 22.77 -14.07 27.30
C ILE C 398 23.18 -14.93 28.49
N LYS C 399 24.45 -15.33 28.49
CA LYS C 399 25.00 -16.29 29.45
C LYS C 399 24.52 -16.02 30.88
N ALA C 400 23.90 -17.02 31.48
CA ALA C 400 23.43 -16.93 32.85
C ALA C 400 24.56 -17.32 33.81
N ASN C 401 24.27 -17.27 35.10
CA ASN C 401 25.29 -17.58 36.10
C ASN C 401 25.57 -19.09 36.16
N LEU C 402 24.59 -19.91 35.79
CA LEU C 402 24.73 -21.36 35.87
C LEU C 402 25.29 -21.96 34.58
N CYS C 403 26.05 -21.18 33.81
CA CYS C 403 26.70 -21.71 32.62
C CYS C 403 27.82 -22.66 33.03
N GLY C 404 27.69 -23.93 32.65
CA GLY C 404 28.64 -24.96 33.04
C GLY C 404 28.24 -25.70 34.30
N LYS C 405 27.66 -24.99 35.26
CA LYS C 405 27.20 -25.61 36.49
C LYS C 405 25.99 -26.51 36.21
N ASP C 406 25.91 -27.60 36.97
CA ASP C 406 24.78 -28.50 36.83
C ASP C 406 23.50 -27.85 37.37
N ALA C 407 22.46 -27.84 36.55
CA ALA C 407 21.19 -27.22 36.90
C ALA C 407 20.15 -27.66 35.87
N ASP C 408 18.97 -27.05 35.91
CA ASP C 408 17.90 -27.30 34.96
C ASP C 408 17.78 -26.15 33.96
N THR C 409 18.92 -25.59 33.56
CA THR C 409 18.93 -24.43 32.69
C THR C 409 18.47 -24.79 31.28
N THR C 410 18.06 -23.76 30.54
CA THR C 410 17.56 -23.93 29.19
C THR C 410 18.22 -22.89 28.28
N LEU C 411 18.39 -23.26 27.01
CA LEU C 411 18.95 -22.36 26.00
C LEU C 411 17.89 -22.08 24.95
N PHE C 412 17.67 -20.79 24.66
CA PHE C 412 16.67 -20.36 23.69
C PHE C 412 17.39 -19.96 22.40
N LEU C 413 17.21 -20.76 21.35
CA LEU C 413 17.75 -20.44 20.04
C LEU C 413 16.70 -19.68 19.22
N THR C 414 16.25 -18.57 19.78
CA THR C 414 15.21 -17.77 19.17
C THR C 414 15.73 -16.98 17.98
N GLU C 415 14.81 -16.43 17.19
CA GLU C 415 15.13 -15.68 15.99
C GLU C 415 14.69 -14.24 16.16
N GLY C 416 15.60 -13.31 15.88
CA GLY C 416 15.31 -11.90 16.01
C GLY C 416 15.76 -11.31 17.32
N ASP C 417 16.69 -10.36 17.28
CA ASP C 417 17.18 -9.72 18.50
C ASP C 417 16.06 -8.96 19.21
N SER C 418 15.04 -8.54 18.46
CA SER C 418 13.89 -7.90 19.09
C SER C 418 13.24 -8.85 20.09
N ALA C 419 13.14 -10.13 19.74
CA ALA C 419 12.59 -11.11 20.67
C ALA C 419 13.51 -11.32 21.86
N ILE C 420 14.83 -11.29 21.63
CA ILE C 420 15.75 -11.54 22.74
C ILE C 420 15.73 -10.37 23.73
N GLY C 421 15.41 -9.16 23.26
CA GLY C 421 15.23 -8.07 24.21
C GLY C 421 14.05 -8.30 25.13
N TYR C 422 12.92 -8.74 24.57
CA TYR C 422 11.79 -9.19 25.37
C TYR C 422 12.22 -10.27 26.34
N LEU C 423 13.08 -11.18 25.89
CA LEU C 423 13.60 -12.21 26.78
C LEU C 423 14.37 -11.60 27.94
N ILE C 424 15.27 -10.65 27.66
CA ILE C 424 16.01 -9.98 28.73
C ILE C 424 15.06 -9.39 29.74
N ASP C 425 14.00 -8.73 29.27
CA ASP C 425 13.02 -8.15 30.17
C ASP C 425 12.10 -9.18 30.81
N VAL C 426 12.17 -10.45 30.39
CA VAL C 426 11.23 -11.47 30.88
C VAL C 426 11.98 -12.64 31.49
N ARG C 427 13.23 -12.87 31.07
CA ARG C 427 13.97 -14.06 31.44
C ARG C 427 14.01 -14.27 32.95
N ASP C 428 14.17 -15.54 33.35
CA ASP C 428 14.58 -15.84 34.71
C ASP C 428 16.01 -15.35 34.92
N LYS C 429 16.27 -14.78 36.09
CA LYS C 429 17.55 -14.13 36.33
C LYS C 429 18.72 -15.12 36.36
N GLU C 430 18.46 -16.41 36.60
CA GLU C 430 19.57 -17.35 36.75
C GLU C 430 19.42 -18.59 35.88
N LEU C 431 18.19 -19.03 35.60
CA LEU C 431 17.99 -20.29 34.89
C LEU C 431 17.96 -20.11 33.38
N HIS C 432 17.01 -19.32 32.88
CA HIS C 432 16.77 -19.23 31.45
C HIS C 432 17.84 -18.37 30.78
N GLY C 433 18.45 -18.90 29.74
CA GLY C 433 19.42 -18.18 28.91
C GLY C 433 18.82 -17.76 27.59
N GLY C 434 19.61 -17.89 26.54
CA GLY C 434 19.14 -17.58 25.20
C GLY C 434 20.26 -17.10 24.31
N TYR C 435 19.95 -17.00 23.02
CA TYR C 435 20.88 -16.56 21.99
C TYR C 435 20.11 -16.24 20.72
N PRO C 436 20.38 -15.10 20.07
CA PRO C 436 19.69 -14.78 18.83
C PRO C 436 20.38 -15.32 17.58
N LEU C 437 19.54 -15.72 16.63
CA LEU C 437 20.01 -16.24 15.36
C LEU C 437 20.10 -15.11 14.33
N ARG C 438 20.75 -15.40 13.21
CA ARG C 438 20.83 -14.45 12.11
C ARG C 438 19.68 -14.59 11.13
N GLY C 439 19.10 -15.77 11.01
CA GLY C 439 18.02 -15.99 10.07
C GLY C 439 18.27 -17.20 9.19
N LYS C 440 18.01 -17.06 7.89
CA LYS C 440 18.17 -18.15 6.95
C LYS C 440 19.61 -18.66 6.98
N VAL C 441 19.76 -19.94 7.32
CA VAL C 441 21.07 -20.58 7.43
C VAL C 441 21.11 -21.76 6.47
N LEU C 442 22.32 -22.11 6.04
CA LEU C 442 22.49 -23.14 5.04
C LEU C 442 22.08 -24.50 5.58
N ASN C 443 21.71 -25.39 4.66
CA ASN C 443 21.31 -26.74 5.03
C ASN C 443 22.46 -27.44 5.77
N SER C 444 22.11 -28.22 6.78
CA SER C 444 23.13 -28.81 7.65
C SER C 444 23.99 -29.84 6.91
N TRP C 445 23.38 -30.73 6.12
CA TRP C 445 24.19 -31.66 5.35
C TRP C 445 24.40 -31.13 3.93
N GLY C 446 25.22 -31.86 3.19
CA GLY C 446 25.70 -31.45 1.90
C GLY C 446 27.18 -31.12 1.86
N MET C 447 27.87 -31.22 2.99
CA MET C 447 29.27 -30.83 3.10
C MET C 447 29.85 -31.46 4.38
N SER C 448 31.12 -31.16 4.65
CA SER C 448 31.89 -31.89 5.66
C SER C 448 31.73 -31.29 7.06
N TYR C 449 32.30 -32.00 8.05
CA TYR C 449 32.16 -31.61 9.45
C TYR C 449 32.92 -30.31 9.73
N ALA C 450 34.17 -30.22 9.28
CA ALA C 450 34.89 -28.96 9.37
C ALA C 450 34.12 -27.86 8.65
N ASP C 451 33.33 -28.23 7.66
CA ASP C 451 32.48 -27.27 6.98
C ASP C 451 31.17 -27.00 7.72
N MET C 452 30.76 -27.86 8.65
CA MET C 452 29.85 -27.40 9.70
C MET C 452 30.52 -26.31 10.53
N LEU C 453 31.78 -26.53 10.91
CA LEU C 453 32.50 -25.56 11.73
C LEU C 453 32.77 -24.26 10.98
N LYS C 454 32.72 -24.28 9.65
CA LYS C 454 32.99 -23.07 8.88
C LYS C 454 31.96 -21.99 9.16
N ASN C 455 30.68 -22.35 9.28
CA ASN C 455 29.63 -21.37 9.45
C ASN C 455 29.79 -20.63 10.79
N LYS C 456 29.54 -19.32 10.76
CA LYS C 456 29.75 -18.50 11.95
C LYS C 456 28.72 -18.81 13.03
N GLU C 457 27.43 -18.85 12.66
CA GLU C 457 26.39 -19.06 13.65
C GLU C 457 26.51 -20.44 14.31
N LEU C 458 26.83 -21.46 13.51
CA LEU C 458 27.04 -22.79 14.07
C LEU C 458 28.22 -22.79 15.03
N PHE C 459 29.29 -22.09 14.68
CA PHE C 459 30.44 -21.96 15.58
C PHE C 459 30.02 -21.33 16.90
N ASP C 460 29.24 -20.25 16.83
CA ASP C 460 28.81 -19.58 18.05
C ASP C 460 27.95 -20.50 18.90
N ILE C 461 27.05 -21.26 18.28
CA ILE C 461 26.15 -22.10 19.08
C ILE C 461 26.92 -23.25 19.72
N CYS C 462 27.87 -23.86 19.01
CA CYS C 462 28.61 -24.95 19.64
C CYS C 462 29.53 -24.42 20.73
N ALA C 463 30.04 -23.19 20.58
CA ALA C 463 30.81 -22.58 21.66
C ALA C 463 29.92 -22.29 22.86
N ILE C 464 28.67 -21.88 22.61
CA ILE C 464 27.78 -21.50 23.70
C ILE C 464 27.37 -22.73 24.50
N THR C 465 26.86 -23.76 23.81
CA THR C 465 26.47 -24.97 24.54
C THR C 465 27.69 -25.75 25.01
N GLY C 466 28.86 -25.47 24.44
CA GLY C 466 30.06 -26.21 24.75
C GLY C 466 30.17 -27.55 24.05
N LEU C 467 29.18 -27.91 23.24
CA LEU C 467 29.19 -29.20 22.55
C LEU C 467 29.97 -28.97 21.25
N VAL C 468 31.29 -29.08 21.37
CA VAL C 468 32.17 -28.89 20.22
C VAL C 468 32.04 -30.08 19.27
N LEU C 469 32.13 -29.82 17.98
CA LEU C 469 31.89 -30.84 16.97
C LEU C 469 32.90 -31.98 17.08
N GLY C 470 32.40 -33.21 17.03
CA GLY C 470 33.24 -34.38 17.04
C GLY C 470 33.38 -35.08 18.37
N GLU C 471 32.65 -34.62 19.39
CA GLU C 471 32.76 -35.20 20.72
C GLU C 471 31.39 -35.71 21.16
N LYS C 472 31.40 -36.40 22.31
CA LYS C 472 30.18 -36.87 22.94
C LYS C 472 29.49 -35.71 23.66
N ALA C 473 28.19 -35.90 23.95
CA ALA C 473 27.39 -34.85 24.57
C ALA C 473 27.82 -34.71 26.03
N GLU C 474 28.80 -33.83 26.27
CA GLU C 474 29.30 -33.57 27.61
C GLU C 474 29.69 -32.09 27.68
N ASN C 475 30.06 -31.64 28.88
CA ASN C 475 30.43 -30.25 29.12
C ASN C 475 29.36 -29.30 28.63
N LEU C 476 28.10 -29.63 28.90
CA LEU C 476 26.97 -28.82 28.43
C LEU C 476 26.83 -27.61 29.35
N ASN C 477 27.18 -26.42 28.84
CA ASN C 477 27.00 -25.20 29.61
C ASN C 477 25.53 -24.97 29.93
N TYR C 478 24.65 -25.35 29.01
CA TYR C 478 23.21 -25.27 29.22
C TYR C 478 22.65 -26.69 29.25
N HIS C 479 21.87 -27.00 30.28
CA HIS C 479 21.33 -28.33 30.44
C HIS C 479 20.32 -28.65 29.33
N ASN C 480 19.67 -27.63 28.79
CA ASN C 480 18.62 -27.82 27.80
C ASN C 480 18.74 -26.79 26.70
N ILE C 481 18.24 -27.14 25.52
CA ILE C 481 18.20 -26.25 24.37
C ILE C 481 16.78 -26.21 23.83
N ALA C 482 16.29 -25.01 23.56
CA ALA C 482 14.95 -24.82 23.03
C ALA C 482 15.01 -23.93 21.79
N ILE C 483 14.08 -24.18 20.88
CA ILE C 483 13.96 -23.45 19.62
C ILE C 483 12.61 -22.74 19.62
N MET C 484 12.60 -21.48 19.18
CA MET C 484 11.37 -20.70 19.14
C MET C 484 11.51 -19.63 18.06
N THR C 485 10.70 -19.75 17.00
CA THR C 485 10.83 -18.90 15.83
C THR C 485 9.45 -18.41 15.40
N ASP C 486 9.46 -17.37 14.56
CA ASP C 486 8.22 -16.81 14.02
C ASP C 486 7.47 -17.87 13.24
N ALA C 487 6.24 -18.14 13.63
CA ALA C 487 5.52 -19.34 13.19
C ALA C 487 4.54 -19.04 12.05
N ASP C 488 5.07 -18.56 10.92
CA ASP C 488 4.33 -18.69 9.66
C ASP C 488 5.08 -19.53 8.64
N HIS C 489 6.26 -19.09 8.19
CA HIS C 489 7.20 -19.98 7.53
C HIS C 489 8.65 -19.60 7.80
N ASP C 490 8.92 -18.58 8.62
CA ASP C 490 10.28 -18.06 8.74
C ASP C 490 11.19 -19.04 9.45
N GLY C 491 10.70 -19.67 10.51
CA GLY C 491 11.51 -20.62 11.25
C GLY C 491 10.98 -22.03 11.22
N LEU C 492 9.66 -22.19 11.14
CA LEU C 492 9.08 -23.51 11.03
C LEU C 492 9.51 -24.19 9.73
N GLY C 493 9.50 -23.46 8.63
CA GLY C 493 9.81 -24.02 7.33
C GLY C 493 11.26 -23.83 6.90
N SER C 494 11.99 -22.95 7.58
CA SER C 494 13.37 -22.66 7.20
C SER C 494 14.37 -22.97 8.31
N ILE C 495 14.08 -22.57 9.55
CA ILE C 495 15.08 -22.67 10.61
C ILE C 495 14.97 -23.99 11.36
N TYR C 496 13.76 -24.46 11.64
CA TYR C 496 13.60 -25.69 12.41
C TYR C 496 14.23 -26.92 11.73
N PRO C 497 13.94 -27.23 10.46
CA PRO C 497 14.56 -28.43 9.88
C PRO C 497 16.08 -28.34 9.82
N SER C 498 16.63 -27.18 9.48
CA SER C 498 18.08 -27.03 9.41
C SER C 498 18.71 -27.19 10.79
N LEU C 499 18.10 -26.60 11.82
CA LEU C 499 18.66 -26.72 13.16
C LEU C 499 18.58 -28.15 13.66
N LEU C 500 17.50 -28.87 13.35
CA LEU C 500 17.45 -30.28 13.71
C LEU C 500 18.49 -31.09 12.94
N GLY C 501 18.70 -30.77 11.67
CA GLY C 501 19.74 -31.44 10.92
C GLY C 501 21.11 -31.24 11.53
N PHE C 502 21.39 -30.02 11.99
CA PHE C 502 22.67 -29.76 12.65
C PHE C 502 22.76 -30.51 13.97
N PHE C 503 21.70 -30.47 14.77
CA PHE C 503 21.72 -31.18 16.05
C PHE C 503 21.72 -32.69 15.89
N SER C 504 21.40 -33.19 14.71
CA SER C 504 21.36 -34.63 14.46
C SER C 504 22.75 -35.28 14.54
N ASN C 505 23.83 -34.50 14.42
CA ASN C 505 25.15 -35.10 14.51
C ASN C 505 25.46 -35.63 15.91
N TRP C 506 24.55 -35.47 16.87
CA TRP C 506 24.70 -36.06 18.21
C TRP C 506 23.39 -36.75 18.57
N PRO C 507 23.23 -38.02 18.14
CA PRO C 507 22.00 -38.75 18.48
C PRO C 507 21.75 -38.85 19.98
N GLU C 508 22.81 -38.77 20.79
CA GLU C 508 22.63 -38.80 22.24
C GLU C 508 21.79 -37.62 22.71
N LEU C 509 21.97 -36.46 22.08
CA LEU C 509 21.18 -35.28 22.44
C LEU C 509 19.69 -35.52 22.23
N PHE C 510 19.34 -36.11 21.09
CA PHE C 510 17.94 -36.43 20.83
C PHE C 510 17.44 -37.55 21.73
N GLU C 511 18.31 -38.51 22.07
CA GLU C 511 17.91 -39.57 22.99
C GLU C 511 17.57 -39.01 24.36
N GLN C 512 18.38 -38.07 24.86
CA GLN C 512 18.02 -37.37 26.09
C GLN C 512 16.76 -36.53 25.90
N GLY C 513 16.48 -36.10 24.67
CA GLY C 513 15.37 -35.21 24.43
C GLY C 513 15.60 -33.80 24.89
N ARG C 514 16.87 -33.39 25.05
CA ARG C 514 17.17 -32.06 25.57
C ARG C 514 16.83 -30.96 24.58
N ILE C 515 16.65 -31.28 23.30
CA ILE C 515 16.27 -30.31 22.29
C ILE C 515 14.75 -30.25 22.23
N ARG C 516 14.18 -29.09 22.53
CA ARG C 516 12.74 -28.94 22.59
C ARG C 516 12.32 -27.65 21.88
N PHE C 517 11.00 -27.47 21.76
CA PHE C 517 10.42 -26.32 21.07
C PHE C 517 9.23 -25.81 21.88
N VAL C 518 9.14 -24.49 22.03
CA VAL C 518 8.05 -23.85 22.75
C VAL C 518 6.99 -23.46 21.72
N LYS C 519 5.83 -24.09 21.78
CA LYS C 519 4.77 -23.79 20.82
C LYS C 519 4.13 -22.46 21.16
N THR C 520 4.22 -21.51 20.23
CA THR C 520 3.54 -20.25 20.43
C THR C 520 2.09 -20.36 19.98
N PRO C 521 1.15 -19.80 20.73
CA PRO C 521 -0.26 -19.87 20.32
C PRO C 521 -0.46 -19.18 18.98
N VAL C 522 -1.09 -19.89 18.04
CA VAL C 522 -1.31 -19.33 16.72
C VAL C 522 -2.34 -18.21 16.78
N ILE C 523 -3.41 -18.41 17.55
CA ILE C 523 -4.48 -17.43 17.69
C ILE C 523 -4.77 -17.23 19.17
N ILE C 524 -5.07 -16.00 19.56
CA ILE C 524 -5.46 -15.66 20.91
C ILE C 524 -6.88 -15.10 20.89
N ALA C 525 -7.76 -15.65 21.72
CA ALA C 525 -9.12 -15.18 21.86
C ALA C 525 -9.21 -14.33 23.12
N HIS C 526 -9.56 -13.06 22.95
CA HIS C 526 -9.66 -12.12 24.07
C HIS C 526 -11.10 -12.10 24.56
N VAL C 527 -11.37 -12.80 25.65
CA VAL C 527 -12.71 -12.89 26.24
C VAL C 527 -12.68 -12.24 27.62
N GLY C 528 -13.72 -11.46 27.91
CA GLY C 528 -13.86 -10.89 29.23
C GLY C 528 -12.64 -10.10 29.65
N LYS C 529 -12.09 -10.45 30.82
CA LYS C 529 -10.85 -9.87 31.30
C LYS C 529 -9.66 -10.80 31.06
N LYS C 530 -9.88 -12.11 31.15
CA LYS C 530 -8.83 -13.10 30.97
C LYS C 530 -8.93 -13.71 29.58
N GLN C 531 -7.87 -13.57 28.80
CA GLN C 531 -7.85 -14.10 27.45
C GLN C 531 -7.53 -15.60 27.45
N GLU C 532 -7.82 -16.26 26.34
CA GLU C 532 -7.54 -17.67 26.15
C GLU C 532 -6.43 -17.85 25.12
N TRP C 533 -5.87 -19.06 25.09
CA TRP C 533 -4.61 -19.34 24.41
C TRP C 533 -4.73 -20.55 23.50
N PHE C 534 -5.74 -20.55 22.64
CA PHE C 534 -5.89 -21.61 21.63
C PHE C 534 -4.59 -21.82 20.87
N TYR C 535 -4.08 -23.05 20.91
CA TYR C 535 -2.72 -23.32 20.44
C TYR C 535 -2.63 -23.70 18.97
N THR C 536 -3.75 -23.91 18.29
CA THR C 536 -3.70 -24.27 16.88
C THR C 536 -5.02 -23.94 16.21
N VAL C 537 -4.99 -23.92 14.88
CA VAL C 537 -6.18 -23.58 14.10
C VAL C 537 -7.28 -24.62 14.30
N ALA C 538 -6.89 -25.91 14.35
CA ALA C 538 -7.88 -26.96 14.55
C ALA C 538 -8.59 -26.81 15.89
N GLU C 539 -7.83 -26.50 16.95
CA GLU C 539 -8.44 -26.26 18.25
C GLU C 539 -9.37 -25.07 18.21
N TYR C 540 -8.97 -24.01 17.50
CA TYR C 540 -9.82 -22.84 17.37
C TYR C 540 -11.14 -23.19 16.69
N GLU C 541 -11.08 -23.96 15.61
CA GLU C 541 -12.28 -24.31 14.89
C GLU C 541 -13.17 -25.27 15.69
N SER C 542 -12.56 -26.17 16.46
CA SER C 542 -13.33 -27.15 17.22
C SER C 542 -13.81 -26.60 18.56
N ALA C 543 -13.32 -25.44 18.99
CA ALA C 543 -13.69 -24.88 20.29
C ALA C 543 -14.36 -23.52 20.18
N LYS C 544 -14.62 -23.02 18.98
CA LYS C 544 -15.29 -21.74 18.81
C LYS C 544 -16.80 -21.85 18.80
N ASP C 545 -17.34 -23.07 18.89
CA ASP C 545 -18.78 -23.25 18.78
C ASP C 545 -19.52 -22.57 19.94
N ALA C 546 -19.00 -22.70 21.16
CA ALA C 546 -19.64 -22.15 22.35
C ALA C 546 -18.63 -21.29 23.09
N LEU C 547 -18.59 -20.00 22.73
CA LEU C 547 -17.74 -19.03 23.42
C LEU C 547 -18.24 -17.62 23.12
N PRO C 548 -18.55 -16.83 24.14
CA PRO C 548 -18.97 -15.45 23.89
C PRO C 548 -17.78 -14.53 23.71
N LYS C 549 -18.06 -13.32 23.20
CA LYS C 549 -17.04 -12.30 22.97
C LYS C 549 -15.88 -12.85 22.15
N HIS C 550 -16.20 -13.28 20.93
CA HIS C 550 -15.24 -14.00 20.08
C HIS C 550 -14.30 -13.01 19.39
N SER C 551 -13.57 -12.26 20.21
CA SER C 551 -12.57 -11.33 19.70
C SER C 551 -11.28 -12.07 19.38
N ILE C 552 -10.89 -12.05 18.12
CA ILE C 552 -9.82 -12.88 17.59
C ILE C 552 -8.58 -12.02 17.38
N ARG C 553 -7.40 -12.59 17.64
CA ARG C 553 -6.13 -11.91 17.39
C ARG C 553 -5.12 -12.93 16.88
N TYR C 554 -4.65 -12.74 15.66
CA TYR C 554 -3.63 -13.64 15.12
C TYR C 554 -2.26 -13.31 15.70
N ILE C 555 -1.49 -14.35 15.99
CA ILE C 555 -0.19 -14.21 16.64
C ILE C 555 0.88 -14.66 15.64
N LYS C 556 0.64 -14.40 14.36
CA LYS C 556 1.64 -14.70 13.34
C LYS C 556 2.92 -13.90 13.60
N GLY C 557 3.97 -14.59 13.98
CA GLY C 557 5.22 -13.95 14.33
C GLY C 557 5.35 -13.72 15.82
N LEU C 558 6.60 -13.78 16.31
CA LEU C 558 6.87 -13.56 17.72
C LEU C 558 6.65 -12.12 18.13
N GLY C 559 6.67 -11.18 17.18
CA GLY C 559 6.49 -9.78 17.52
C GLY C 559 5.08 -9.41 17.94
N SER C 560 4.09 -10.26 17.62
CA SER C 560 2.71 -9.93 17.96
C SER C 560 2.45 -10.04 19.45
N LEU C 561 3.22 -10.85 20.17
CA LEU C 561 3.01 -11.03 21.59
C LEU C 561 3.41 -9.78 22.37
N GLU C 562 2.64 -9.47 23.41
CA GLU C 562 3.00 -8.42 24.34
C GLU C 562 3.87 -8.98 25.46
N LYS C 563 4.27 -8.11 26.39
CA LYS C 563 5.14 -8.56 27.47
C LYS C 563 4.45 -9.57 28.37
N SER C 564 3.16 -9.37 28.65
CA SER C 564 2.42 -10.35 29.45
C SER C 564 2.35 -11.69 28.73
N GLU C 565 2.08 -11.68 27.43
CA GLU C 565 1.97 -12.93 26.67
C GLU C 565 3.31 -13.67 26.67
N TYR C 566 4.40 -12.94 26.41
CA TYR C 566 5.71 -13.59 26.38
C TYR C 566 6.10 -14.10 27.77
N ARG C 567 5.78 -13.34 28.82
CA ARG C 567 6.06 -13.79 30.17
C ARG C 567 5.31 -15.08 30.47
N GLU C 568 4.02 -15.13 30.12
CA GLU C 568 3.25 -16.36 30.34
C GLU C 568 3.82 -17.52 29.54
N MET C 569 4.21 -17.26 28.29
CA MET C 569 4.74 -18.33 27.45
C MET C 569 6.05 -18.89 28.01
N ILE C 570 6.95 -18.01 28.44
CA ILE C 570 8.24 -18.47 28.93
C ILE C 570 8.09 -19.16 30.28
N GLN C 571 7.33 -18.56 31.20
CA GLN C 571 7.26 -19.11 32.55
C GLN C 571 6.44 -20.41 32.59
N ASN C 572 5.39 -20.50 31.78
CA ASN C 572 4.54 -21.69 31.74
C ASN C 572 4.43 -22.18 30.29
N PRO C 573 5.46 -22.81 29.78
CA PRO C 573 5.48 -23.23 28.37
C PRO C 573 4.99 -24.66 28.18
N VAL C 574 4.91 -25.05 26.91
CA VAL C 574 4.45 -26.39 26.56
C VAL C 574 5.62 -27.32 26.22
N TYR C 575 6.68 -26.81 25.61
CA TYR C 575 7.92 -27.55 25.38
C TYR C 575 7.71 -28.83 24.58
N ASP C 576 7.31 -28.66 23.33
CA ASP C 576 7.35 -29.78 22.39
C ASP C 576 8.81 -30.16 22.10
N VAL C 577 9.04 -31.45 21.90
CA VAL C 577 10.39 -31.99 21.77
C VAL C 577 10.58 -32.39 20.30
N VAL C 578 11.82 -32.73 19.95
CA VAL C 578 12.17 -33.01 18.57
C VAL C 578 12.04 -34.50 18.30
N LYS C 579 12.03 -34.85 17.02
CA LYS C 579 11.73 -36.21 16.59
C LYS C 579 12.87 -37.18 16.90
N LEU C 580 12.53 -38.47 16.94
CA LEU C 580 13.51 -39.53 17.02
C LEU C 580 12.89 -40.81 16.46
N PRO C 581 13.04 -41.06 15.16
CA PRO C 581 12.50 -42.30 14.58
C PRO C 581 13.49 -43.44 14.59
N GLU C 582 13.12 -44.58 14.00
CA GLU C 582 14.03 -45.72 13.95
C GLU C 582 15.25 -45.42 13.10
N ASN C 583 15.11 -44.58 12.07
CA ASN C 583 16.22 -44.17 11.23
C ASN C 583 16.31 -42.64 11.25
N TRP C 584 17.51 -42.13 11.48
CA TRP C 584 17.73 -40.69 11.65
C TRP C 584 18.45 -40.08 10.45
N LYS C 585 18.29 -40.68 9.28
CA LYS C 585 18.97 -40.16 8.10
C LYS C 585 18.02 -39.90 6.92
N GLU C 586 17.06 -40.79 6.68
CA GLU C 586 16.20 -40.65 5.51
C GLU C 586 15.19 -39.52 5.68
N LEU C 587 14.60 -39.41 6.86
CA LEU C 587 13.55 -38.43 7.07
C LEU C 587 14.04 -37.01 6.88
N PHE C 588 15.29 -36.70 7.24
CA PHE C 588 15.87 -35.43 6.82
C PHE C 588 16.59 -35.53 5.48
N GLU C 589 16.81 -36.73 4.95
CA GLU C 589 17.29 -36.83 3.58
C GLU C 589 16.25 -36.32 2.60
N MET C 590 14.98 -36.31 3.01
CA MET C 590 13.94 -35.67 2.21
C MET C 590 14.22 -34.18 2.01
N LEU C 591 15.02 -33.55 2.88
CA LEU C 591 15.36 -32.14 2.72
C LEU C 591 15.94 -31.87 1.33
N MET C 592 16.88 -32.69 0.89
CA MET C 592 17.48 -32.52 -0.42
C MET C 592 16.61 -33.12 -1.51
N LYS D 393 22.70 -2.64 -39.13
CA LYS D 393 23.60 -2.91 -38.01
C LYS D 393 22.92 -2.58 -36.68
N VAL D 394 22.46 -1.34 -36.55
CA VAL D 394 21.77 -0.91 -35.34
C VAL D 394 20.45 -1.67 -35.20
N HIS D 395 20.05 -1.91 -33.96
CA HIS D 395 18.91 -2.77 -33.66
C HIS D 395 17.70 -2.00 -33.15
N LYS D 396 17.87 -1.21 -32.08
CA LYS D 396 16.75 -0.49 -31.50
C LYS D 396 16.27 0.68 -32.35
N HIS D 397 17.00 1.03 -33.40
CA HIS D 397 16.67 2.20 -34.20
C HIS D 397 15.35 2.02 -34.95
N ILE D 398 14.78 3.14 -35.35
CA ILE D 398 13.52 3.20 -36.09
C ILE D 398 13.79 3.88 -37.42
N LYS D 399 14.95 3.61 -38.00
CA LYS D 399 15.41 4.21 -39.25
C LYS D 399 14.28 4.33 -40.27
N ALA D 400 14.11 5.53 -40.79
CA ALA D 400 13.08 5.83 -41.77
C ALA D 400 13.69 5.85 -43.17
N ASN D 401 12.81 5.91 -44.18
CA ASN D 401 13.27 5.96 -45.56
C ASN D 401 14.03 7.25 -45.84
N LEU D 402 13.57 8.36 -45.27
CA LEU D 402 14.20 9.66 -45.47
C LEU D 402 15.47 9.83 -44.65
N CYS D 403 15.81 8.86 -43.81
CA CYS D 403 17.06 8.92 -43.06
C CYS D 403 18.25 8.96 -44.00
N GLY D 404 19.19 9.86 -43.72
CA GLY D 404 20.36 10.03 -44.57
C GLY D 404 20.14 10.88 -45.79
N LYS D 405 18.93 11.39 -46.00
CA LYS D 405 18.61 12.21 -47.16
C LYS D 405 18.70 13.68 -46.78
N ASP D 406 18.44 14.55 -47.77
CA ASP D 406 18.48 15.99 -47.53
C ASP D 406 17.21 16.53 -46.90
N ALA D 407 16.14 15.73 -46.86
CA ALA D 407 14.89 16.19 -46.28
C ALA D 407 14.99 16.29 -44.77
N ASP D 408 14.04 17.02 -44.19
CA ASP D 408 14.01 17.19 -42.73
C ASP D 408 13.74 15.86 -42.05
N THR D 409 14.53 15.54 -41.03
CA THR D 409 14.40 14.28 -40.31
C THR D 409 14.76 14.54 -38.84
N THR D 410 13.87 14.13 -37.94
CA THR D 410 14.07 14.32 -36.51
C THR D 410 14.32 12.99 -35.82
N LEU D 411 15.19 13.01 -34.82
CA LEU D 411 15.53 11.83 -34.03
C LEU D 411 14.98 12.02 -32.62
N PHE D 412 14.19 11.06 -32.15
CA PHE D 412 13.59 11.12 -30.82
C PHE D 412 14.39 10.25 -29.87
N LEU D 413 15.03 10.88 -28.88
CA LEU D 413 15.76 10.16 -27.84
C LEU D 413 14.87 9.92 -26.64
N THR D 414 13.76 9.23 -26.89
CA THR D 414 12.78 8.99 -25.85
C THR D 414 13.30 7.98 -24.82
N GLU D 415 12.58 7.90 -23.70
CA GLU D 415 12.94 7.01 -22.61
C GLU D 415 11.82 6.01 -22.39
N GLY D 416 12.20 4.73 -22.22
CA GLY D 416 11.22 3.68 -22.00
C GLY D 416 10.73 3.04 -23.28
N ASP D 417 10.68 1.70 -23.30
CA ASP D 417 10.21 1.00 -24.49
C ASP D 417 8.75 1.29 -24.77
N SER D 418 7.96 1.57 -23.73
CA SER D 418 6.56 1.90 -23.94
C SER D 418 6.39 3.16 -24.78
N ALA D 419 7.19 4.19 -24.48
CA ALA D 419 7.08 5.46 -25.20
C ALA D 419 7.46 5.30 -26.67
N ILE D 420 8.54 4.57 -26.96
CA ILE D 420 8.94 4.40 -28.34
C ILE D 420 7.92 3.54 -29.09
N GLY D 421 7.37 2.53 -28.43
CA GLY D 421 6.31 1.76 -29.05
C GLY D 421 5.08 2.60 -29.36
N TYR D 422 4.74 3.51 -28.45
CA TYR D 422 3.61 4.40 -28.69
C TYR D 422 3.91 5.32 -29.87
N LEU D 423 5.16 5.76 -29.98
CA LEU D 423 5.60 6.50 -31.16
C LEU D 423 5.40 5.68 -32.42
N ILE D 424 5.82 4.40 -32.39
CA ILE D 424 5.62 3.53 -33.55
C ILE D 424 4.16 3.51 -33.94
N ASP D 425 3.27 3.41 -32.96
CA ASP D 425 1.84 3.48 -33.25
C ASP D 425 1.42 4.86 -33.78
N VAL D 426 2.18 5.91 -33.48
CA VAL D 426 1.78 7.27 -33.84
C VAL D 426 2.79 7.99 -34.73
N ARG D 427 3.88 7.32 -35.13
CA ARG D 427 4.94 7.99 -35.87
C ARG D 427 4.46 8.44 -37.25
N ASP D 428 5.16 9.45 -37.78
CA ASP D 428 5.10 9.73 -39.20
C ASP D 428 5.84 8.63 -39.96
N LYS D 429 5.25 8.20 -41.09
CA LYS D 429 5.79 7.04 -41.79
C LYS D 429 7.14 7.32 -42.45
N GLU D 430 7.49 8.58 -42.69
CA GLU D 430 8.70 8.86 -43.44
C GLU D 430 9.64 9.85 -42.75
N LEU D 431 9.08 10.83 -42.04
CA LEU D 431 9.90 11.92 -41.51
C LEU D 431 10.48 11.59 -40.13
N HIS D 432 9.61 11.33 -39.15
CA HIS D 432 10.06 11.18 -37.78
C HIS D 432 10.68 9.81 -37.55
N GLY D 433 11.83 9.80 -36.90
CA GLY D 433 12.49 8.55 -36.53
C GLY D 433 12.28 8.20 -35.08
N GLY D 434 13.36 8.05 -34.33
CA GLY D 434 13.28 7.79 -32.90
C GLY D 434 14.22 6.70 -32.48
N TYR D 435 14.51 6.66 -31.17
CA TYR D 435 15.36 5.65 -30.55
C TYR D 435 15.16 5.69 -29.05
N PRO D 436 14.95 4.55 -28.39
CA PRO D 436 14.76 4.56 -26.95
C PRO D 436 16.05 4.41 -26.15
N LEU D 437 16.06 5.07 -25.00
CA LEU D 437 17.19 5.06 -24.11
C LEU D 437 17.09 3.89 -23.14
N ARG D 438 18.11 3.74 -22.30
CA ARG D 438 18.12 2.69 -21.27
C ARG D 438 17.79 3.23 -19.88
N GLY D 439 18.22 4.44 -19.56
CA GLY D 439 18.01 5.01 -18.26
C GLY D 439 19.21 5.80 -17.77
N LYS D 440 19.66 5.51 -16.55
CA LYS D 440 20.79 6.22 -15.97
C LYS D 440 22.02 6.05 -16.87
N VAL D 441 22.52 7.18 -17.39
CA VAL D 441 23.70 7.20 -18.24
C VAL D 441 24.79 7.96 -17.50
N LEU D 442 26.00 7.39 -17.49
CA LEU D 442 27.09 7.98 -16.73
C LEU D 442 27.42 9.37 -17.26
N ASN D 443 27.89 10.23 -16.36
CA ASN D 443 28.28 11.59 -16.73
C ASN D 443 29.35 11.56 -17.80
N SER D 444 29.17 12.34 -18.85
CA SER D 444 30.02 12.31 -20.02
C SER D 444 31.20 13.26 -19.94
N TRP D 445 31.33 14.04 -18.86
CA TRP D 445 32.44 14.96 -18.73
C TRP D 445 33.53 14.36 -17.85
N GLY D 446 34.78 14.61 -18.24
CA GLY D 446 35.91 14.29 -17.39
C GLY D 446 36.67 13.03 -17.73
N MET D 447 36.38 12.40 -18.86
CA MET D 447 37.08 11.19 -19.27
C MET D 447 37.59 11.35 -20.69
N SER D 448 38.31 10.35 -21.17
CA SER D 448 38.80 10.33 -22.54
C SER D 448 37.66 10.08 -23.52
N TYR D 449 37.89 10.45 -24.77
CA TYR D 449 36.89 10.22 -25.81
C TYR D 449 36.62 8.73 -25.99
N ALA D 450 37.65 7.90 -25.83
CA ALA D 450 37.44 6.46 -25.82
C ALA D 450 36.47 6.04 -24.73
N ASP D 451 36.43 6.79 -23.61
CA ASP D 451 35.48 6.46 -22.55
C ASP D 451 34.05 6.81 -22.95
N MET D 452 33.85 7.89 -23.71
CA MET D 452 32.55 8.12 -24.33
C MET D 452 32.19 6.98 -25.27
N LEU D 453 33.15 6.50 -26.06
CA LEU D 453 32.88 5.36 -26.92
C LEU D 453 32.70 4.06 -26.15
N LYS D 454 33.07 4.02 -24.87
CA LYS D 454 32.94 2.79 -24.09
C LYS D 454 31.49 2.41 -23.86
N ASN D 455 30.66 3.39 -23.50
CA ASN D 455 29.27 3.10 -23.15
C ASN D 455 28.50 2.62 -24.37
N LYS D 456 27.66 1.61 -24.17
CA LYS D 456 26.92 1.01 -25.28
C LYS D 456 25.94 2.01 -25.88
N GLU D 457 25.20 2.72 -25.02
CA GLU D 457 24.19 3.66 -25.52
C GLU D 457 24.82 4.79 -26.32
N LEU D 458 25.96 5.30 -25.85
CA LEU D 458 26.65 6.35 -26.58
C LEU D 458 27.13 5.85 -27.94
N PHE D 459 27.62 4.61 -28.00
CA PHE D 459 28.00 4.02 -29.28
C PHE D 459 26.78 3.91 -30.20
N ASP D 460 25.64 3.49 -29.66
CA ASP D 460 24.44 3.33 -30.46
C ASP D 460 24.00 4.67 -31.06
N ILE D 461 23.94 5.72 -30.23
CA ILE D 461 23.51 7.01 -30.73
C ILE D 461 24.54 7.58 -31.71
N CYS D 462 25.82 7.34 -31.44
CA CYS D 462 26.87 7.80 -32.36
C CYS D 462 26.71 7.16 -33.73
N ALA D 463 26.40 5.86 -33.75
CA ALA D 463 26.16 5.19 -35.03
C ALA D 463 24.85 5.64 -35.67
N ILE D 464 23.84 5.97 -34.87
CA ILE D 464 22.54 6.32 -35.40
C ILE D 464 22.59 7.68 -36.09
N THR D 465 23.02 8.71 -35.36
CA THR D 465 23.09 10.04 -35.97
C THR D 465 24.18 10.13 -37.02
N GLY D 466 25.17 9.25 -37.00
CA GLY D 466 26.26 9.29 -37.94
C GLY D 466 27.34 10.28 -37.61
N LEU D 467 27.20 11.05 -36.53
CA LEU D 467 28.21 12.00 -36.12
C LEU D 467 29.18 11.25 -35.21
N VAL D 468 30.30 10.80 -35.78
CA VAL D 468 31.27 10.02 -35.04
C VAL D 468 32.06 10.95 -34.11
N LEU D 469 32.45 10.42 -32.95
CA LEU D 469 33.21 11.20 -31.99
C LEU D 469 34.53 11.66 -32.58
N GLY D 470 34.85 12.93 -32.39
CA GLY D 470 36.03 13.53 -32.96
C GLY D 470 35.85 14.05 -34.36
N GLU D 471 34.77 13.69 -35.04
CA GLU D 471 34.46 14.19 -36.38
C GLU D 471 33.48 15.35 -36.26
N LYS D 472 32.95 15.80 -37.39
CA LYS D 472 32.00 16.90 -37.43
C LYS D 472 30.63 16.39 -37.85
N ALA D 473 29.66 17.30 -37.87
CA ALA D 473 28.30 17.00 -38.30
C ALA D 473 28.04 17.40 -39.75
N GLU D 474 29.06 17.29 -40.61
CA GLU D 474 28.91 17.69 -42.01
C GLU D 474 27.82 16.88 -42.69
N ASN D 475 27.80 15.57 -42.47
CA ASN D 475 26.72 14.70 -42.91
C ASN D 475 26.07 14.08 -41.69
N LEU D 476 24.75 13.93 -41.74
CA LEU D 476 23.96 13.37 -40.65
C LEU D 476 22.83 12.55 -41.21
N ASN D 477 22.62 11.35 -40.66
CA ASN D 477 21.50 10.53 -41.08
C ASN D 477 20.16 11.18 -40.76
N TYR D 478 20.09 11.97 -39.68
CA TYR D 478 18.87 12.68 -39.32
C TYR D 478 19.17 14.18 -39.28
N HIS D 479 18.29 14.97 -39.90
CA HIS D 479 18.48 16.42 -39.91
C HIS D 479 18.37 17.00 -38.51
N ASN D 480 17.42 16.52 -37.73
CA ASN D 480 17.14 17.05 -36.40
C ASN D 480 17.22 15.94 -35.37
N ILE D 481 17.36 16.36 -34.11
CA ILE D 481 17.36 15.44 -32.97
C ILE D 481 16.45 16.04 -31.91
N ALA D 482 15.58 15.21 -31.33
CA ALA D 482 14.68 15.62 -30.26
C ALA D 482 14.86 14.72 -29.05
N ILE D 483 14.84 15.33 -27.87
CA ILE D 483 14.99 14.61 -26.61
C ILE D 483 13.70 14.78 -25.80
N MET D 484 13.17 13.67 -25.29
CA MET D 484 11.91 13.69 -24.57
C MET D 484 11.92 12.58 -23.53
N THR D 485 11.60 12.92 -22.28
CA THR D 485 11.67 11.97 -21.17
C THR D 485 10.49 12.18 -20.23
N ASP D 486 10.33 11.25 -19.30
CA ASP D 486 9.34 11.39 -18.24
C ASP D 486 9.71 12.56 -17.35
N ALA D 487 8.86 13.58 -17.33
CA ALA D 487 9.23 14.89 -16.78
C ALA D 487 8.72 15.06 -15.35
N ASP D 488 9.21 14.23 -14.43
CA ASP D 488 9.16 14.57 -13.01
C ASP D 488 10.56 14.70 -12.42
N HIS D 489 11.35 13.63 -12.39
CA HIS D 489 12.79 13.76 -12.21
C HIS D 489 13.58 12.71 -12.96
N ASP D 490 12.93 11.84 -13.75
CA ASP D 490 13.64 10.69 -14.33
C ASP D 490 14.52 11.12 -15.49
N GLY D 491 14.09 12.11 -16.27
CA GLY D 491 14.88 12.56 -17.39
C GLY D 491 15.36 13.99 -17.23
N LEU D 492 14.58 14.81 -16.53
CA LEU D 492 15.01 16.17 -16.25
C LEU D 492 16.25 16.17 -15.36
N GLY D 493 16.26 15.32 -14.34
CA GLY D 493 17.37 15.27 -13.41
C GLY D 493 18.47 14.31 -13.77
N SER D 494 18.18 13.33 -14.63
CA SER D 494 19.16 12.31 -14.99
C SER D 494 19.51 12.32 -16.47
N ILE D 495 18.52 12.24 -17.36
CA ILE D 495 18.82 12.17 -18.78
C ILE D 495 19.34 13.50 -19.29
N TYR D 496 18.72 14.59 -18.86
CA TYR D 496 19.05 15.94 -19.33
C TYR D 496 20.55 16.25 -19.22
N PRO D 497 21.15 16.22 -18.02
CA PRO D 497 22.55 16.69 -17.93
C PRO D 497 23.51 15.85 -18.75
N SER D 498 23.45 14.52 -18.62
CA SER D 498 24.36 13.66 -19.34
C SER D 498 24.18 13.78 -20.86
N LEU D 499 22.92 13.74 -21.32
CA LEU D 499 22.68 13.83 -22.76
C LEU D 499 23.09 15.18 -23.32
N LEU D 500 22.80 16.27 -22.59
CA LEU D 500 23.19 17.59 -23.06
C LEU D 500 24.70 17.71 -23.13
N GLY D 501 25.41 17.22 -22.11
CA GLY D 501 26.86 17.28 -22.13
C GLY D 501 27.46 16.45 -23.27
N PHE D 502 26.88 15.28 -23.54
CA PHE D 502 27.39 14.45 -24.63
C PHE D 502 27.12 15.10 -25.98
N PHE D 503 25.93 15.67 -26.17
CA PHE D 503 25.61 16.29 -27.45
C PHE D 503 26.31 17.62 -27.64
N SER D 504 26.77 18.26 -26.57
CA SER D 504 27.47 19.52 -26.70
C SER D 504 28.89 19.39 -27.23
N ASN D 505 29.44 18.17 -27.27
CA ASN D 505 30.83 17.98 -27.68
C ASN D 505 31.10 18.43 -29.12
N TRP D 506 30.08 18.84 -29.86
CA TRP D 506 30.25 19.40 -31.20
C TRP D 506 29.57 20.76 -31.23
N PRO D 507 30.30 21.83 -30.89
CA PRO D 507 29.68 23.17 -30.85
C PRO D 507 29.06 23.60 -32.17
N GLU D 508 29.56 23.10 -33.31
CA GLU D 508 28.97 23.46 -34.59
C GLU D 508 27.53 22.97 -34.68
N LEU D 509 27.30 21.70 -34.34
CA LEU D 509 25.95 21.16 -34.31
C LEU D 509 25.07 21.94 -33.32
N PHE D 510 25.67 22.36 -32.21
CA PHE D 510 24.93 23.16 -31.23
C PHE D 510 24.48 24.49 -31.83
N GLU D 511 25.39 25.16 -32.54
CA GLU D 511 25.06 26.43 -33.18
C GLU D 511 24.01 26.25 -34.27
N GLN D 512 24.04 25.10 -34.96
CA GLN D 512 22.97 24.80 -35.91
C GLN D 512 21.61 24.73 -35.23
N GLY D 513 21.60 24.39 -33.94
CA GLY D 513 20.34 24.32 -33.21
C GLY D 513 19.50 23.11 -33.55
N ARG D 514 20.08 22.11 -34.22
CA ARG D 514 19.31 20.93 -34.61
C ARG D 514 18.84 20.15 -33.39
N ILE D 515 19.67 20.07 -32.35
CA ILE D 515 19.27 19.40 -31.11
C ILE D 515 18.19 20.22 -30.42
N ARG D 516 17.09 19.57 -30.06
CA ARG D 516 15.93 20.25 -29.50
C ARG D 516 15.22 19.30 -28.54
N PHE D 517 14.34 19.88 -27.73
CA PHE D 517 13.55 19.12 -26.78
C PHE D 517 12.08 19.52 -26.92
N VAL D 518 11.19 18.53 -26.94
CA VAL D 518 9.76 18.79 -27.09
C VAL D 518 9.14 18.90 -25.69
N LYS D 519 8.46 20.02 -25.44
CA LYS D 519 7.87 20.26 -24.13
C LYS D 519 6.65 19.38 -23.92
N THR D 520 6.69 18.55 -22.88
CA THR D 520 5.53 17.74 -22.60
C THR D 520 4.59 18.45 -21.63
N PRO D 521 3.28 18.38 -21.87
CA PRO D 521 2.33 19.02 -20.95
C PRO D 521 2.41 18.41 -19.56
N VAL D 522 2.25 19.26 -18.55
CA VAL D 522 2.37 18.82 -17.17
C VAL D 522 1.01 18.59 -16.51
N ILE D 523 -0.01 19.41 -16.83
CA ILE D 523 -1.39 19.11 -16.46
C ILE D 523 -2.30 19.32 -17.66
N ILE D 524 -3.29 18.43 -17.81
CA ILE D 524 -4.32 18.55 -18.84
C ILE D 524 -5.64 18.86 -18.16
N ALA D 525 -6.36 19.85 -18.69
CA ALA D 525 -7.62 20.30 -18.12
C ALA D 525 -8.76 19.88 -19.05
N HIS D 526 -9.68 19.08 -18.53
CA HIS D 526 -10.86 18.65 -19.29
C HIS D 526 -11.97 19.66 -18.99
N VAL D 527 -12.32 20.46 -20.00
CA VAL D 527 -13.37 21.48 -19.87
C VAL D 527 -14.48 21.13 -20.85
N GLY D 528 -15.69 20.96 -20.33
CA GLY D 528 -16.80 20.50 -21.14
C GLY D 528 -16.51 19.14 -21.75
N LYS D 529 -16.36 19.10 -23.08
CA LYS D 529 -15.92 17.91 -23.77
C LYS D 529 -14.56 18.08 -24.43
N LYS D 530 -13.97 19.27 -24.37
CA LYS D 530 -12.67 19.54 -24.94
C LYS D 530 -11.58 19.48 -23.87
N GLN D 531 -10.33 19.54 -24.31
CA GLN D 531 -9.19 19.46 -23.42
C GLN D 531 -8.23 20.62 -23.71
N GLU D 532 -7.55 21.06 -22.66
CA GLU D 532 -6.56 22.12 -22.73
C GLU D 532 -5.26 21.61 -22.13
N TRP D 533 -4.16 22.24 -22.55
CA TRP D 533 -2.81 21.68 -22.46
C TRP D 533 -1.87 22.62 -21.71
N PHE D 534 -2.28 23.03 -20.51
CA PHE D 534 -1.43 23.79 -19.62
C PHE D 534 -0.03 23.19 -19.57
N TYR D 535 0.97 23.96 -19.99
CA TYR D 535 2.32 23.44 -20.19
C TYR D 535 3.19 23.54 -18.95
N THR D 536 2.73 24.20 -17.89
CA THR D 536 3.51 24.31 -16.67
C THR D 536 2.57 24.63 -15.51
N VAL D 537 3.07 24.38 -14.30
CA VAL D 537 2.26 24.62 -13.10
C VAL D 537 1.95 26.10 -12.94
N ALA D 538 2.88 26.97 -13.30
CA ALA D 538 2.62 28.41 -13.22
C ALA D 538 1.48 28.81 -14.13
N GLU D 539 1.42 28.24 -15.33
CA GLU D 539 0.29 28.51 -16.24
C GLU D 539 -1.01 28.04 -15.63
N TYR D 540 -1.01 26.87 -15.00
CA TYR D 540 -2.21 26.39 -14.31
C TYR D 540 -2.65 27.36 -13.22
N GLU D 541 -1.71 27.82 -12.40
CA GLU D 541 -2.07 28.71 -11.30
C GLU D 541 -2.55 30.06 -11.80
N SER D 542 -1.97 30.57 -12.89
CA SER D 542 -2.34 31.87 -13.41
C SER D 542 -3.53 31.82 -14.36
N ALA D 543 -4.00 30.63 -14.75
CA ALA D 543 -5.12 30.51 -15.67
C ALA D 543 -6.29 29.70 -15.10
N LYS D 544 -6.22 29.29 -13.83
CA LYS D 544 -7.31 28.54 -13.23
C LYS D 544 -8.42 29.42 -12.69
N ASP D 545 -8.28 30.74 -12.76
CA ASP D 545 -9.29 31.63 -12.20
C ASP D 545 -10.60 31.54 -12.97
N ALA D 546 -10.53 31.47 -14.29
CA ALA D 546 -11.72 31.55 -15.16
C ALA D 546 -11.76 30.33 -16.08
N LEU D 547 -12.39 29.26 -15.60
CA LEU D 547 -12.71 28.09 -16.43
C LEU D 547 -13.72 27.21 -15.71
N PRO D 548 -14.72 26.68 -16.41
CA PRO D 548 -15.72 25.83 -15.77
C PRO D 548 -15.35 24.35 -15.84
N LYS D 549 -15.89 23.59 -14.90
CA LYS D 549 -15.72 22.14 -14.82
C LYS D 549 -14.23 21.77 -14.82
N HIS D 550 -13.55 22.17 -13.75
CA HIS D 550 -12.11 22.01 -13.63
C HIS D 550 -11.77 20.55 -13.37
N SER D 551 -11.68 19.78 -14.44
CA SER D 551 -11.26 18.37 -14.37
C SER D 551 -9.76 18.34 -14.61
N ILE D 552 -9.00 18.11 -13.55
CA ILE D 552 -7.55 18.16 -13.58
C ILE D 552 -6.99 16.76 -13.80
N ARG D 553 -5.99 16.63 -14.68
CA ARG D 553 -5.31 15.36 -14.87
C ARG D 553 -3.82 15.62 -14.98
N TYR D 554 -3.06 15.13 -14.00
CA TYR D 554 -1.62 15.29 -14.01
C TYR D 554 -0.97 14.37 -15.03
N ILE D 555 0.18 14.78 -15.54
CA ILE D 555 0.99 13.98 -16.46
C ILE D 555 2.39 13.93 -15.87
N LYS D 556 2.67 12.89 -15.08
CA LYS D 556 4.00 12.75 -14.49
C LYS D 556 5.02 12.28 -15.52
N GLY D 557 4.63 11.35 -16.38
CA GLY D 557 5.55 10.80 -17.35
C GLY D 557 4.93 10.51 -18.70
N LEU D 558 5.70 9.89 -19.60
CA LEU D 558 5.21 9.61 -20.94
C LEU D 558 4.09 8.59 -20.95
N GLY D 559 3.93 7.81 -19.89
CA GLY D 559 2.90 6.79 -19.87
C GLY D 559 1.51 7.33 -19.66
N SER D 560 1.39 8.55 -19.14
CA SER D 560 0.08 9.08 -18.79
C SER D 560 -0.72 9.47 -20.02
N LEU D 561 -0.06 10.03 -21.04
CA LEU D 561 -0.76 10.55 -22.20
C LEU D 561 -1.37 9.41 -23.01
N GLU D 562 -2.48 9.73 -23.68
CA GLU D 562 -3.20 8.77 -24.52
C GLU D 562 -2.87 9.00 -25.99
N LYS D 563 -3.50 8.22 -26.86
CA LYS D 563 -3.19 8.27 -28.28
C LYS D 563 -3.53 9.61 -28.89
N SER D 564 -4.66 10.20 -28.49
CA SER D 564 -4.96 11.56 -28.91
C SER D 564 -3.90 12.53 -28.41
N GLU D 565 -3.50 12.37 -27.15
CA GLU D 565 -2.50 13.26 -26.56
C GLU D 565 -1.16 13.14 -27.27
N TYR D 566 -0.69 11.90 -27.49
CA TYR D 566 0.61 11.74 -28.14
C TYR D 566 0.55 12.16 -29.60
N ARG D 567 -0.58 11.91 -30.26
CA ARG D 567 -0.75 12.36 -31.64
C ARG D 567 -0.68 13.89 -31.72
N GLU D 568 -1.33 14.58 -30.80
CA GLU D 568 -1.24 16.03 -30.78
C GLU D 568 0.18 16.49 -30.47
N MET D 569 0.86 15.80 -29.55
CA MET D 569 2.19 16.22 -29.14
C MET D 569 3.24 15.94 -30.21
N ILE D 570 2.97 15.01 -31.12
CA ILE D 570 3.93 14.68 -32.16
C ILE D 570 3.64 15.42 -33.45
N GLN D 571 2.38 15.39 -33.91
CA GLN D 571 2.05 16.05 -35.17
C GLN D 571 1.99 17.56 -35.03
N ASN D 572 1.71 18.06 -33.82
CA ASN D 572 1.69 19.50 -33.53
C ASN D 572 2.58 19.78 -32.34
N PRO D 573 3.89 19.62 -32.50
CA PRO D 573 4.81 19.73 -31.35
C PRO D 573 5.39 21.12 -31.18
N VAL D 574 5.83 21.38 -29.94
CA VAL D 574 6.53 22.61 -29.58
C VAL D 574 7.93 22.22 -29.09
N TYR D 575 8.94 22.94 -29.56
CA TYR D 575 10.33 22.60 -29.26
C TYR D 575 11.01 23.71 -28.47
N ASP D 576 12.20 23.38 -27.99
CA ASP D 576 13.10 24.32 -27.31
C ASP D 576 14.53 23.90 -27.59
N VAL D 577 15.38 24.87 -27.93
CA VAL D 577 16.79 24.58 -28.20
C VAL D 577 17.51 24.22 -26.91
N VAL D 578 18.75 23.73 -27.04
CA VAL D 578 19.52 23.27 -25.89
C VAL D 578 20.22 24.40 -25.15
N LYS D 579 20.29 25.59 -25.74
CA LYS D 579 20.52 26.87 -25.06
C LYS D 579 21.95 27.14 -24.59
N LEU D 580 22.98 26.53 -25.16
CA LEU D 580 24.33 26.74 -24.63
C LEU D 580 24.79 28.17 -24.92
N PRO D 581 25.23 28.91 -23.90
CA PRO D 581 25.80 30.25 -24.13
C PRO D 581 27.27 30.17 -24.54
N GLU D 582 27.94 31.33 -24.61
CA GLU D 582 29.32 31.36 -25.07
C GLU D 582 30.24 30.53 -24.19
N ASN D 583 29.86 30.27 -22.94
CA ASN D 583 30.68 29.47 -22.04
C ASN D 583 30.33 27.99 -22.23
N TRP D 584 31.08 27.34 -23.12
CA TRP D 584 30.94 25.90 -23.30
C TRP D 584 31.33 25.15 -22.04
N LYS D 585 32.50 25.45 -21.49
CA LYS D 585 33.07 24.62 -20.44
C LYS D 585 32.79 25.15 -19.04
N GLU D 586 31.70 25.91 -18.87
CA GLU D 586 31.44 26.50 -17.57
C GLU D 586 30.05 26.24 -16.99
N LEU D 587 29.00 26.18 -17.81
CA LEU D 587 27.65 26.05 -17.27
C LEU D 587 27.33 24.64 -16.76
N PHE D 588 28.09 23.62 -17.16
CA PHE D 588 27.93 22.28 -16.61
C PHE D 588 28.96 21.94 -15.56
N GLU D 589 29.34 22.92 -14.72
CA GLU D 589 30.32 22.68 -13.66
C GLU D 589 29.74 21.87 -12.51
N MET D 590 28.43 21.65 -12.48
CA MET D 590 27.79 20.85 -11.44
C MET D 590 27.56 19.40 -11.88
N LEU D 591 28.00 19.04 -13.09
CA LEU D 591 27.77 17.69 -13.59
C LEU D 591 28.54 16.65 -12.80
N MET D 592 29.76 16.97 -12.40
CA MET D 592 30.57 16.02 -11.62
C MET D 592 30.56 16.39 -10.14
#